data_1LE9
#
_entry.id   1LE9
#
_cell.length_a   137.835
_cell.length_b   138.002
_cell.length_c   90.044
_cell.angle_alpha   90.00
_cell.angle_beta   97.28
_cell.angle_gamma   90.00
#
_symmetry.space_group_name_H-M   'C 1 2 1'
#
loop_
_entity.id
_entity.type
_entity.pdbx_description
1 polymer "5'-D(*TP*GP*GP*GP*AP*CP*TP*TP*TP*CP*CP*T)-3'"
2 polymer "5'-D(*AP*AP*GP*GP*AP*AP*AP*GP*TP*CP*CP*C)-3'"
3 polymer 'NUCLEAR FACTOR NF-KAPPA-B P65 SUBUNIT'
4 polymer 'NUCLEAR FACTOR NF-KAPPA-B P50 SUBUNIT'
#
loop_
_entity_poly.entity_id
_entity_poly.type
_entity_poly.pdbx_seq_one_letter_code
_entity_poly.pdbx_strand_id
1 'polydeoxyribonucleotide' (DT)(DG)(DG)(DG)(DA)(DC)(DT)(DT)(DT)(DC)(DC)(DT) C,G
2 'polydeoxyribonucleotide' (DA)(DA)(DG)(DG)(DA)(DA)(DA)(DG)(DT)(DC)(DC)(DC) D,H
3 'polypeptide(L)'
;MAYVEIIEQPKQRGMRFRYKCEGRSAGSIPGERSTDTTKTHPTIKINGYTGPGTVRISLVTKDPPHRPHPHELVGKDCRD
GYYEADLCPDRSIHSFQNLGIQCVKKRDLEQAISQRIQTNNNPFHVPIEEQRGDYDLNAVRLCFQVTVRDPAGRPLLLTP
VLSHPIFDNRAPNTAELKICRVNRNSGSCLGGDEIFLLCDKVQKEDIEVYFTGPGWEARGSFSQADVHRQVAIVFRTPPY
ADPSLQAPVRVSMQLRRPSDRELSEPMEFQYLPD
;
A,E
4 'polypeptide(L)'
;MGPYLQILEQPKQRGFRFRYVCEGPSHGGLPGASSEKNKKSYPQVKICNYVGPAKVIVQLVTNGKNIHLHAHSLVGKHCE
DGVCTVTAGPKDMVVGFANLGILHVTKKKVFETLEARMTEACIRGYNPGLLVHSDLAYLQAEGGGDRQLTDREKEIIRQA
AVQQTKEMDLSVVRLMFTAFLPDSTGSFTRRLEPVVSDAIYDSKAPNASNLKIVRMDRTAGCVTGGEEIYLLCDKVQKDD
IQIRFYEEEENGGVWEGFGDFSPTDVHRQFAIVFKTPKYKDVNITKPASVFVQLRRKSDLETSEPKPFLYYPE
;
B,F
#
# COMPACT_ATOMS: atom_id res chain seq x y z
N ALA E 2 29.09 10.03 30.23
CA ALA E 2 28.65 9.38 31.49
C ALA E 2 27.21 9.81 31.79
N TYR E 3 26.26 9.29 31.00
CA TYR E 3 24.84 9.58 31.12
C TYR E 3 24.46 10.89 30.41
N VAL E 4 23.24 10.95 29.89
CA VAL E 4 22.76 12.16 29.20
C VAL E 4 21.28 12.07 28.80
N GLU E 5 20.61 13.22 28.74
CA GLU E 5 19.20 13.28 28.37
C GLU E 5 18.92 14.68 27.83
N ILE E 6 18.21 14.74 26.71
CA ILE E 6 17.89 16.02 26.10
C ILE E 6 16.93 16.82 26.96
N ILE E 7 17.31 18.06 27.28
CA ILE E 7 16.46 18.95 28.07
C ILE E 7 15.41 19.59 27.13
N GLU E 8 15.83 20.02 25.94
CA GLU E 8 14.96 20.65 24.94
C GLU E 8 14.80 19.82 23.66
N GLN E 9 13.77 18.98 23.61
CA GLN E 9 13.51 18.13 22.44
C GLN E 9 13.29 18.93 21.15
N PRO E 10 14.07 18.65 20.10
CA PRO E 10 13.90 19.36 18.85
C PRO E 10 12.43 19.48 18.43
N LYS E 11 12.18 20.37 17.48
CA LYS E 11 10.84 20.61 16.96
C LYS E 11 10.23 19.35 16.35
N GLN E 12 8.89 19.27 16.34
CA GLN E 12 8.18 18.11 15.78
C GLN E 12 7.84 18.32 14.30
N ARG E 13 6.55 18.38 13.99
CA ARG E 13 6.08 18.57 12.62
C ARG E 13 5.78 20.03 12.32
N GLY E 14 6.73 20.69 11.65
CA GLY E 14 6.56 22.09 11.30
C GLY E 14 7.70 22.70 10.51
N MET E 15 8.94 22.38 10.87
CA MET E 15 10.10 22.93 10.17
C MET E 15 10.12 22.46 8.73
N ARG E 16 11.00 23.05 7.92
CA ARG E 16 11.06 22.67 6.51
C ARG E 16 12.50 22.38 6.13
N PHE E 17 12.71 21.25 5.48
CA PHE E 17 14.04 20.85 5.05
C PHE E 17 14.60 21.73 3.94
N ARG E 18 15.70 22.42 4.24
CA ARG E 18 16.32 23.30 3.28
C ARG E 18 17.41 22.56 2.51
N TYR E 19 17.88 23.15 1.42
CA TYR E 19 18.91 22.55 0.58
C TYR E 19 20.20 23.33 0.58
N LYS E 20 21.14 22.88 -0.25
CA LYS E 20 22.42 23.54 -0.39
C LYS E 20 22.09 24.80 -1.16
N CYS E 21 21.79 24.64 -2.46
CA CYS E 21 21.44 25.76 -3.30
C CYS E 21 20.55 26.66 -2.47
N GLU E 22 19.71 26.02 -1.67
CA GLU E 22 18.77 26.72 -0.80
C GLU E 22 19.49 27.71 0.11
N GLY E 23 18.74 28.70 0.57
CA GLY E 23 19.29 29.72 1.44
C GLY E 23 20.16 29.08 2.50
N ARG E 24 21.45 29.35 2.44
CA ARG E 24 22.41 28.83 3.40
C ARG E 24 22.39 29.82 4.56
N SER E 25 22.90 29.40 5.71
CA SER E 25 22.91 30.25 6.90
C SER E 25 21.51 30.81 7.12
N ALA E 26 20.55 30.26 6.37
CA ALA E 26 19.16 30.68 6.44
C ALA E 26 18.41 29.85 7.47
N GLY E 27 18.18 30.43 8.64
CA GLY E 27 17.46 29.74 9.70
C GLY E 27 18.36 29.08 10.73
N SER E 28 18.01 27.84 11.06
CA SER E 28 18.74 27.03 12.04
C SER E 28 17.83 25.87 12.49
N ILE E 29 18.05 25.39 13.70
CA ILE E 29 17.24 24.30 14.23
C ILE E 29 16.57 24.76 15.53
N PRO E 30 15.23 24.90 15.49
CA PRO E 30 14.40 25.33 16.62
C PRO E 30 14.14 24.24 17.68
N GLY E 31 14.06 24.69 18.94
CA GLY E 31 13.83 23.78 20.05
C GLY E 31 12.38 23.52 20.41
N GLU E 32 12.20 22.69 21.43
CA GLU E 32 10.89 22.27 21.93
C GLU E 32 9.87 23.41 22.14
N ARG E 33 10.05 24.14 23.24
CA ARG E 33 9.17 25.25 23.65
C ARG E 33 9.47 26.51 22.88
N SER E 34 10.18 26.37 21.76
CA SER E 34 10.55 27.49 20.91
C SER E 34 9.40 28.45 20.71
N THR E 35 9.70 29.65 20.22
CA THR E 35 8.66 30.63 20.00
C THR E 35 9.01 31.66 18.93
N ASP E 36 7.98 32.38 18.51
CA ASP E 36 8.06 33.42 17.51
C ASP E 36 8.71 34.67 18.06
N THR E 37 9.12 34.58 19.33
CA THR E 37 9.74 35.72 20.01
C THR E 37 10.93 35.26 20.87
N THR E 38 11.01 33.95 21.10
CA THR E 38 12.08 33.34 21.87
C THR E 38 12.33 31.95 21.27
N LYS E 39 13.56 31.70 20.83
CA LYS E 39 13.94 30.44 20.20
C LYS E 39 14.23 29.25 21.11
N THR E 40 15.48 29.13 21.54
CA THR E 40 15.94 28.04 22.41
C THR E 40 16.24 26.76 21.61
N HIS E 41 17.52 26.56 21.29
CA HIS E 41 17.96 25.39 20.54
C HIS E 41 18.14 24.15 21.40
N PRO E 42 18.44 23.00 20.76
CA PRO E 42 18.65 21.73 21.46
C PRO E 42 19.85 21.79 22.41
N THR E 43 19.64 21.32 23.63
CA THR E 43 20.71 21.34 24.61
C THR E 43 20.61 20.06 25.43
N ILE E 44 21.73 19.37 25.58
CA ILE E 44 21.78 18.13 26.34
C ILE E 44 22.50 18.33 27.68
N LYS E 45 21.84 17.90 28.76
CA LYS E 45 22.39 18.04 30.10
C LYS E 45 23.02 16.75 30.61
N ILE E 46 24.31 16.81 30.93
CA ILE E 46 25.03 15.65 31.44
C ILE E 46 24.94 15.67 32.96
N ASN E 47 23.81 15.22 33.50
CA ASN E 47 23.62 15.23 34.95
C ASN E 47 24.81 14.61 35.68
N GLY E 48 25.23 15.29 36.75
CA GLY E 48 26.34 14.81 37.52
C GLY E 48 27.65 15.29 36.91
N TYR E 49 28.32 14.41 36.17
CA TYR E 49 29.59 14.75 35.55
C TYR E 49 29.53 16.10 34.82
N THR E 50 30.62 16.86 34.92
CA THR E 50 30.68 18.18 34.27
C THR E 50 32.14 18.56 34.05
N GLY E 51 32.54 18.66 32.80
CA GLY E 51 33.91 19.03 32.49
C GLY E 51 34.21 18.98 31.01
N PRO E 52 35.48 18.82 30.62
CA PRO E 52 35.80 18.76 29.19
C PRO E 52 35.11 17.58 28.53
N GLY E 53 34.84 17.71 27.24
CA GLY E 53 34.18 16.64 26.51
C GLY E 53 34.05 17.00 25.05
N THR E 54 34.00 16.00 24.18
CA THR E 54 33.85 16.27 22.76
C THR E 54 32.41 15.95 22.41
N VAL E 55 31.93 16.45 21.27
CA VAL E 55 30.57 16.17 20.85
C VAL E 55 30.47 16.07 19.36
N ARG E 56 29.80 15.02 18.91
CA ARG E 56 29.58 14.80 17.51
C ARG E 56 28.10 14.58 17.32
N ILE E 57 27.36 15.61 16.91
CA ILE E 57 25.94 15.40 16.72
C ILE E 57 25.69 14.96 15.29
N SER E 58 24.72 14.06 15.12
CA SER E 58 24.37 13.52 13.82
C SER E 58 22.88 13.20 13.71
N LEU E 59 22.41 13.14 12.48
CA LEU E 59 21.01 12.89 12.17
C LEU E 59 20.80 11.42 11.75
N VAL E 60 19.80 10.76 12.34
CA VAL E 60 19.51 9.37 12.02
C VAL E 60 18.03 9.07 11.73
N THR E 61 17.80 8.01 10.97
CA THR E 61 16.45 7.59 10.59
C THR E 61 15.48 7.48 11.77
N LYS E 62 14.19 7.43 11.45
CA LYS E 62 13.19 7.35 12.49
C LYS E 62 13.04 6.01 13.20
N ASP E 63 12.88 4.94 12.42
CA ASP E 63 12.62 3.59 12.97
C ASP E 63 13.75 2.65 13.45
N PRO E 64 13.40 1.72 14.37
CA PRO E 64 14.24 0.72 15.01
C PRO E 64 15.69 0.69 14.65
N PRO E 65 16.07 0.13 13.48
CA PRO E 65 17.53 0.22 13.31
C PRO E 65 17.90 1.64 12.84
N HIS E 66 18.10 2.52 13.81
CA HIS E 66 18.43 3.93 13.55
C HIS E 66 19.79 4.12 12.87
N ARG E 67 19.77 3.99 11.54
CA ARG E 67 20.96 4.14 10.71
C ARG E 67 21.25 5.62 10.58
N PRO E 68 22.46 5.97 10.14
CA PRO E 68 22.69 7.41 10.01
C PRO E 68 21.90 7.92 8.81
N HIS E 69 21.16 9.02 9.01
CA HIS E 69 20.36 9.60 7.94
C HIS E 69 21.20 10.36 6.89
N PRO E 70 20.78 10.31 5.62
CA PRO E 70 21.50 10.99 4.54
C PRO E 70 21.75 12.48 4.69
N HIS E 71 20.68 13.22 4.88
CA HIS E 71 20.78 14.66 5.02
C HIS E 71 21.97 15.13 5.82
N GLU E 72 22.65 16.18 5.34
CA GLU E 72 23.77 16.70 6.11
C GLU E 72 23.23 17.44 7.31
N LEU E 73 24.01 18.38 7.80
CA LEU E 73 23.60 19.15 8.95
C LEU E 73 24.57 20.30 9.08
N VAL E 74 24.96 20.84 7.93
CA VAL E 74 25.91 21.95 7.85
C VAL E 74 25.56 23.08 8.83
N GLY E 75 26.60 23.81 9.22
CA GLY E 75 26.48 24.91 10.16
C GLY E 75 27.82 25.08 10.87
N LYS E 76 27.84 25.78 12.00
CA LYS E 76 29.09 25.97 12.72
C LYS E 76 29.78 24.66 13.08
N ASP E 77 31.05 24.55 12.68
CA ASP E 77 31.86 23.36 12.97
C ASP E 77 31.38 22.06 12.32
N CYS E 78 30.11 21.99 11.94
CA CYS E 78 29.56 20.79 11.32
C CYS E 78 30.43 20.34 10.16
N ARG E 79 30.80 19.07 10.15
CA ARG E 79 31.66 18.55 9.09
C ARG E 79 31.06 17.37 8.37
N ASP E 80 31.49 17.19 7.12
CA ASP E 80 31.05 16.13 6.22
C ASP E 80 29.60 15.74 6.30
N GLY E 81 28.91 16.28 7.28
CA GLY E 81 27.50 15.98 7.46
C GLY E 81 27.16 15.97 8.94
N TYR E 82 28.01 15.31 9.73
CA TYR E 82 27.79 15.23 11.16
C TYR E 82 28.24 16.53 11.80
N TYR E 83 28.00 16.64 13.09
CA TYR E 83 28.41 17.81 13.84
C TYR E 83 29.58 17.36 14.71
N GLU E 84 30.47 18.30 15.05
CA GLU E 84 31.63 18.01 15.90
C GLU E 84 32.36 19.27 16.40
N ALA E 85 32.54 19.34 17.72
CA ALA E 85 33.20 20.47 18.34
C ALA E 85 33.31 20.22 19.85
N ASP E 86 34.33 20.79 20.49
CA ASP E 86 34.49 20.58 21.92
C ASP E 86 33.32 21.23 22.69
N LEU E 87 33.04 20.70 23.88
CA LEU E 87 31.96 21.21 24.73
C LEU E 87 32.52 22.02 25.90
N CYS E 88 31.92 23.18 26.16
CA CYS E 88 32.35 24.04 27.26
C CYS E 88 32.90 23.20 28.40
N PRO E 89 34.22 23.25 28.63
CA PRO E 89 34.79 22.46 29.72
C PRO E 89 34.67 23.17 31.07
N ASP E 90 33.60 23.96 31.22
CA ASP E 90 33.36 24.69 32.45
C ASP E 90 31.90 24.51 32.90
N ARG E 91 31.00 24.28 31.95
CA ARG E 91 29.59 24.09 32.26
C ARG E 91 29.17 22.68 31.85
N SER E 92 27.97 22.27 32.22
CA SER E 92 27.47 20.95 31.87
C SER E 92 26.62 20.99 30.61
N ILE E 93 25.32 21.21 30.80
CA ILE E 93 24.37 21.29 29.69
C ILE E 93 24.89 22.26 28.62
N HIS E 94 25.39 21.68 27.52
CA HIS E 94 25.95 22.45 26.42
C HIS E 94 24.94 22.52 25.26
N SER E 95 24.63 23.74 24.82
CA SER E 95 23.67 23.98 23.73
C SER E 95 24.30 24.00 22.30
N PHE E 96 23.47 24.18 21.26
CA PHE E 96 23.95 24.18 19.87
C PHE E 96 23.18 25.15 18.95
N GLN E 97 23.66 26.39 18.83
CA GLN E 97 23.02 27.38 17.97
C GLN E 97 23.85 27.60 16.72
N ASN E 98 23.67 26.72 15.73
CA ASN E 98 24.41 26.82 14.47
C ASN E 98 24.16 25.62 13.55
N LEU E 99 23.03 24.94 13.76
CA LEU E 99 22.69 23.75 12.99
C LEU E 99 21.68 23.92 11.85
N GLY E 100 22.05 23.43 10.66
CA GLY E 100 21.16 23.52 9.51
C GLY E 100 21.00 22.14 8.88
N ILE E 101 19.78 21.82 8.42
CA ILE E 101 19.53 20.50 7.81
C ILE E 101 19.47 20.45 6.29
N GLN E 102 20.61 20.20 5.67
CA GLN E 102 20.71 20.17 4.22
C GLN E 102 20.12 18.90 3.62
N CYS E 103 18.78 18.87 3.41
CA CYS E 103 18.18 17.69 2.79
C CYS E 103 18.81 17.51 1.40
N VAL E 104 19.03 16.26 1.01
CA VAL E 104 19.67 15.96 -0.27
C VAL E 104 18.68 15.58 -1.34
N LYS E 105 19.12 15.56 -2.60
CA LYS E 105 18.26 15.17 -3.72
C LYS E 105 18.34 13.65 -3.89
N LYS E 106 17.29 13.03 -4.40
CA LYS E 106 17.37 11.59 -4.62
C LYS E 106 18.64 11.35 -5.45
N ARG E 107 18.82 12.18 -6.48
CA ARG E 107 19.99 12.11 -7.37
C ARG E 107 21.17 11.64 -6.55
N ASP E 108 21.71 12.55 -5.75
CA ASP E 108 22.87 12.26 -4.89
C ASP E 108 22.46 11.73 -3.52
N LEU E 109 22.01 10.47 -3.50
CA LEU E 109 21.59 9.78 -2.27
C LEU E 109 22.59 8.67 -1.97
N GLU E 110 22.68 7.76 -2.94
CA GLU E 110 23.61 6.64 -2.90
C GLU E 110 24.91 7.22 -2.34
N GLN E 111 25.36 8.30 -2.99
CA GLN E 111 26.58 9.02 -2.62
C GLN E 111 26.47 9.50 -1.18
N ALA E 112 25.38 10.24 -0.90
CA ALA E 112 25.11 10.84 0.42
C ALA E 112 25.27 9.89 1.60
N ILE E 113 24.66 8.71 1.51
CA ILE E 113 24.79 7.73 2.58
C ILE E 113 26.18 7.13 2.40
N SER E 114 26.57 6.90 1.15
CA SER E 114 27.88 6.35 0.84
C SER E 114 29.01 7.21 1.42
N GLN E 115 28.66 8.39 1.91
CA GLN E 115 29.63 9.28 2.53
C GLN E 115 29.61 8.86 3.99
N ARG E 116 28.41 8.74 4.53
CA ARG E 116 28.23 8.35 5.93
C ARG E 116 29.21 7.27 6.34
N ILE E 117 29.41 6.28 5.48
CA ILE E 117 30.33 5.21 5.81
C ILE E 117 31.77 5.63 5.53
N GLN E 118 32.08 5.92 4.26
CA GLN E 118 33.43 6.32 3.90
C GLN E 118 33.93 7.47 4.78
N THR E 119 33.06 8.03 5.60
CA THR E 119 33.46 9.12 6.48
C THR E 119 33.15 8.74 7.92
N ASN E 120 32.84 7.46 8.13
CA ASN E 120 32.52 6.97 9.46
C ASN E 120 31.50 7.87 10.15
N ASN E 121 30.25 7.42 10.11
CA ASN E 121 29.12 8.12 10.68
C ASN E 121 28.17 6.99 11.06
N ASN E 122 27.86 6.84 12.35
CA ASN E 122 26.99 5.73 12.75
C ASN E 122 26.76 5.62 14.27
N PRO E 123 26.13 6.63 14.90
CA PRO E 123 25.86 6.60 16.35
C PRO E 123 25.42 5.27 16.96
N PHE E 124 25.07 4.27 16.15
CA PHE E 124 24.65 2.99 16.73
C PHE E 124 25.40 1.83 16.09
N HIS E 125 26.60 2.11 15.62
CA HIS E 125 27.46 1.12 14.96
C HIS E 125 26.64 0.10 14.19
N VAL E 126 25.59 0.58 13.55
CA VAL E 126 24.72 -0.25 12.73
C VAL E 126 25.51 -0.84 11.57
N PRO E 127 25.33 -2.13 11.31
CA PRO E 127 26.01 -2.84 10.23
C PRO E 127 25.88 -2.07 8.91
N ILE E 128 26.95 -2.12 8.11
CA ILE E 128 27.01 -1.45 6.82
C ILE E 128 26.01 -2.00 5.79
N GLU E 129 25.65 -3.28 5.94
CA GLU E 129 24.70 -3.92 5.01
C GLU E 129 23.30 -3.38 5.21
N GLU E 130 23.13 -2.60 6.27
CA GLU E 130 21.84 -2.03 6.58
C GLU E 130 21.90 -0.55 6.27
N GLN E 131 23.12 -0.11 5.98
CA GLN E 131 23.38 1.29 5.69
C GLN E 131 23.05 1.64 4.26
N ARG E 132 22.07 0.95 3.70
CA ARG E 132 21.63 1.19 2.33
C ARG E 132 20.18 0.75 2.08
N GLY E 133 19.69 1.04 0.88
CA GLY E 133 18.33 0.70 0.53
C GLY E 133 17.43 1.92 0.67
N ASP E 134 16.13 1.69 0.70
CA ASP E 134 15.18 2.77 0.85
C ASP E 134 15.35 3.48 2.19
N TYR E 135 15.36 4.82 2.17
CA TYR E 135 15.46 5.68 3.36
C TYR E 135 14.32 6.69 3.24
N ASP E 136 13.76 7.13 4.36
CA ASP E 136 12.69 8.12 4.34
C ASP E 136 13.34 9.49 4.41
N LEU E 137 13.00 10.40 3.51
CA LEU E 137 13.63 11.71 3.54
C LEU E 137 12.82 12.82 4.18
N ASN E 138 11.67 12.49 4.73
CA ASN E 138 10.84 13.50 5.35
C ASN E 138 10.82 13.36 6.87
N ALA E 139 11.55 12.39 7.40
CA ALA E 139 11.56 12.19 8.83
C ALA E 139 12.96 11.82 9.29
N VAL E 140 13.46 12.51 10.33
CA VAL E 140 14.80 12.28 10.87
C VAL E 140 14.86 12.48 12.38
N ARG E 141 15.90 11.93 13.02
CA ARG E 141 16.13 12.06 14.46
C ARG E 141 17.57 12.49 14.74
N LEU E 142 17.75 13.26 15.81
CA LEU E 142 19.08 13.73 16.18
C LEU E 142 19.70 12.79 17.19
N CYS E 143 20.99 12.53 17.04
CA CYS E 143 21.66 11.62 17.96
C CYS E 143 22.82 12.30 18.63
N PHE E 144 23.10 11.87 19.86
CA PHE E 144 24.18 12.47 20.61
C PHE E 144 25.29 11.54 21.05
N GLN E 145 26.17 11.20 20.12
CA GLN E 145 27.32 10.35 20.42
C GLN E 145 28.24 11.24 21.25
N VAL E 146 27.87 11.46 22.52
CA VAL E 146 28.65 12.31 23.42
C VAL E 146 29.68 11.56 24.27
N THR E 147 30.95 11.97 24.13
CA THR E 147 32.07 11.37 24.85
C THR E 147 32.69 12.32 25.88
N VAL E 148 33.10 11.78 27.01
CA VAL E 148 33.73 12.56 28.06
C VAL E 148 34.85 11.75 28.71
N ARG E 149 35.37 12.26 29.82
CA ARG E 149 36.43 11.60 30.53
C ARG E 149 35.85 10.48 31.39
N ASP E 150 36.73 9.73 32.04
CA ASP E 150 36.34 8.61 32.92
C ASP E 150 36.51 9.06 34.38
N PRO E 151 36.29 8.15 35.35
CA PRO E 151 36.47 8.60 36.74
C PRO E 151 37.85 9.23 36.95
N ALA E 152 38.79 8.86 36.10
CA ALA E 152 40.15 9.37 36.15
C ALA E 152 40.38 10.36 35.00
N GLY E 153 41.05 9.90 33.95
CA GLY E 153 41.32 10.77 32.81
C GLY E 153 41.46 10.07 31.47
N ARG E 154 40.53 9.17 31.16
CA ARG E 154 40.56 8.45 29.88
C ARG E 154 39.32 8.80 29.04
N PRO E 155 39.28 8.34 27.76
CA PRO E 155 38.15 8.60 26.86
C PRO E 155 36.88 7.76 27.13
N LEU E 156 36.12 8.16 28.14
CA LEU E 156 34.87 7.48 28.52
C LEU E 156 33.74 8.00 27.64
N LEU E 157 33.40 7.22 26.60
CA LEU E 157 32.35 7.59 25.66
C LEU E 157 30.98 7.28 26.26
N LEU E 158 30.03 8.23 26.21
CA LEU E 158 28.71 7.93 26.74
C LEU E 158 27.68 7.57 25.66
N THR E 159 26.78 6.66 26.02
CA THR E 159 25.73 6.16 25.12
C THR E 159 24.81 7.16 24.44
N PRO E 160 24.73 7.08 23.10
CA PRO E 160 23.92 7.91 22.21
C PRO E 160 22.43 7.86 22.55
N VAL E 161 21.70 8.88 22.10
CA VAL E 161 20.26 8.97 22.33
C VAL E 161 19.60 9.81 21.24
N LEU E 162 18.56 9.24 20.65
CA LEU E 162 17.87 9.90 19.57
C LEU E 162 16.92 10.97 20.08
N SER E 163 16.88 12.08 19.34
CA SER E 163 16.00 13.19 19.67
C SER E 163 14.70 12.95 18.95
N HIS E 164 13.59 13.27 19.59
CA HIS E 164 12.27 13.10 18.98
C HIS E 164 12.27 13.30 17.47
N PRO E 165 11.27 12.74 16.78
CA PRO E 165 11.18 12.88 15.34
C PRO E 165 11.19 14.32 14.87
N ILE E 166 11.58 14.51 13.64
CA ILE E 166 11.58 15.84 13.02
C ILE E 166 11.11 15.56 11.58
N PHE E 167 10.22 16.41 11.09
CA PHE E 167 9.68 16.17 9.76
C PHE E 167 9.76 17.32 8.75
N ASP E 168 9.95 16.95 7.49
CA ASP E 168 10.03 17.90 6.39
C ASP E 168 8.66 18.52 6.28
N ASN E 169 8.61 19.84 6.21
CA ASN E 169 7.33 20.51 6.10
C ASN E 169 6.86 20.51 4.66
N ARG E 170 7.80 20.60 3.73
CA ARG E 170 7.46 20.61 2.32
C ARG E 170 6.69 19.36 1.93
N ALA E 171 7.20 18.19 2.27
CA ALA E 171 6.47 16.97 1.92
C ALA E 171 5.00 17.14 2.28
N PRO E 172 4.13 17.22 1.28
CA PRO E 172 2.67 17.38 1.44
C PRO E 172 1.98 16.35 2.32
N ASN E 173 2.74 15.42 2.88
CA ASN E 173 2.17 14.39 3.73
C ASN E 173 3.03 14.20 4.98
N THR E 174 3.80 15.24 5.27
CA THR E 174 4.71 15.26 6.40
C THR E 174 4.52 16.67 6.96
N ALA E 175 3.87 17.49 6.15
CA ALA E 175 3.61 18.89 6.47
C ALA E 175 2.60 19.10 7.57
N GLU E 176 2.53 20.34 8.04
CA GLU E 176 1.59 20.70 9.07
C GLU E 176 0.25 21.05 8.41
N LEU E 177 -0.77 20.27 8.73
CA LEU E 177 -2.12 20.44 8.21
C LEU E 177 -2.73 21.70 8.79
N LYS E 178 -2.89 22.73 7.97
CA LYS E 178 -3.47 24.00 8.42
C LYS E 178 -4.83 24.29 7.77
N ILE E 179 -5.62 25.14 8.41
CA ILE E 179 -6.93 25.57 7.94
C ILE E 179 -6.87 27.10 7.89
N CYS E 180 -6.57 27.64 6.71
CA CYS E 180 -6.39 29.06 6.53
C CYS E 180 -7.62 29.96 6.61
N ARG E 181 -8.77 29.47 6.16
CA ARG E 181 -10.00 30.25 6.22
C ARG E 181 -11.14 29.57 5.51
N VAL E 182 -12.35 29.78 6.01
CA VAL E 182 -13.56 29.19 5.44
C VAL E 182 -14.63 30.26 5.27
N ASN E 183 -15.54 30.05 4.33
CA ASN E 183 -16.63 31.00 4.09
C ASN E 183 -17.68 30.88 5.19
N ARG E 184 -18.43 29.79 5.19
CA ARG E 184 -19.44 29.61 6.21
C ARG E 184 -18.74 29.34 7.55
N ASN E 185 -19.44 29.62 8.66
CA ASN E 185 -18.90 29.43 10.01
C ASN E 185 -19.95 28.72 10.84
N SER E 186 -21.14 28.58 10.28
CA SER E 186 -22.25 27.95 10.99
C SER E 186 -23.14 27.14 10.08
N GLY E 187 -24.14 26.48 10.66
CA GLY E 187 -25.04 25.67 9.85
C GLY E 187 -26.14 25.00 10.64
N SER E 188 -27.06 24.36 9.94
CA SER E 188 -28.19 23.68 10.57
C SER E 188 -27.85 22.27 11.04
N CYS E 189 -28.39 21.92 12.20
CA CYS E 189 -28.19 20.61 12.79
C CYS E 189 -28.50 19.52 11.76
N LEU E 190 -29.31 19.85 10.77
CA LEU E 190 -29.69 18.89 9.75
C LEU E 190 -28.49 18.56 8.84
N GLY E 191 -27.51 19.45 8.83
CA GLY E 191 -26.32 19.24 8.01
C GLY E 191 -26.55 19.31 6.51
N GLY E 192 -25.51 19.67 5.77
CA GLY E 192 -25.61 19.77 4.32
C GLY E 192 -25.24 21.15 3.79
N ASP E 193 -24.83 22.02 4.71
CA ASP E 193 -24.44 23.35 4.30
C ASP E 193 -23.08 23.29 3.58
N GLU E 194 -23.09 23.49 2.27
CA GLU E 194 -21.86 23.48 1.51
C GLU E 194 -20.89 24.52 2.08
N ILE E 195 -19.63 24.15 2.16
CA ILE E 195 -18.61 25.03 2.69
C ILE E 195 -17.38 25.05 1.82
N PHE E 196 -16.72 26.19 1.79
CA PHE E 196 -15.50 26.34 1.03
C PHE E 196 -14.43 26.50 2.10
N LEU E 197 -13.49 25.57 2.10
CA LEU E 197 -12.42 25.61 3.07
C LEU E 197 -11.13 25.82 2.33
N LEU E 198 -10.50 26.95 2.58
CA LEU E 198 -9.22 27.24 1.95
C LEU E 198 -8.20 26.70 2.95
N CYS E 199 -7.24 25.94 2.46
CA CYS E 199 -6.25 25.36 3.35
C CYS E 199 -4.89 25.22 2.71
N ASP E 200 -3.91 24.83 3.51
CA ASP E 200 -2.56 24.63 3.01
C ASP E 200 -2.52 23.35 2.17
N LYS E 201 -1.48 23.25 1.34
CA LYS E 201 -1.28 22.11 0.47
C LYS E 201 -1.71 20.85 1.19
N VAL E 202 -2.58 20.08 0.54
CA VAL E 202 -3.08 18.82 1.10
C VAL E 202 -3.17 17.83 -0.04
N GLN E 203 -3.16 16.54 0.29
CA GLN E 203 -3.24 15.54 -0.76
C GLN E 203 -4.63 14.90 -0.78
N LYS E 204 -5.37 15.24 -1.83
CA LYS E 204 -6.74 14.76 -1.97
C LYS E 204 -6.96 13.31 -1.65
N GLU E 205 -6.04 12.46 -2.10
CA GLU E 205 -6.18 11.03 -1.85
C GLU E 205 -6.14 10.77 -0.36
N ASP E 206 -5.44 11.66 0.37
CA ASP E 206 -5.24 11.51 1.80
C ASP E 206 -5.59 12.75 2.63
N ILE E 207 -6.87 13.03 2.83
CA ILE E 207 -7.26 14.18 3.64
C ILE E 207 -8.72 14.10 3.99
N GLU E 208 -9.07 14.59 5.18
CA GLU E 208 -10.45 14.60 5.65
C GLU E 208 -10.77 15.85 6.47
N VAL E 209 -12.06 16.16 6.58
CA VAL E 209 -12.50 17.30 7.36
C VAL E 209 -13.22 16.74 8.57
N TYR E 210 -12.57 16.83 9.72
CA TYR E 210 -13.11 16.24 10.93
C TYR E 210 -13.85 17.16 11.87
N PHE E 211 -15.06 16.75 12.20
CA PHE E 211 -15.91 17.48 13.11
C PHE E 211 -15.96 16.77 14.46
N THR E 212 -15.32 17.33 15.47
CA THR E 212 -15.30 16.70 16.80
C THR E 212 -16.54 17.04 17.61
N GLY E 213 -16.33 17.48 18.84
CA GLY E 213 -17.45 17.83 19.69
C GLY E 213 -17.96 16.70 20.57
N PRO E 214 -17.98 16.92 21.90
CA PRO E 214 -18.42 15.99 22.94
C PRO E 214 -19.52 15.02 22.54
N GLY E 215 -19.19 13.73 22.51
CA GLY E 215 -20.18 12.74 22.18
C GLY E 215 -20.60 12.70 20.73
N TRP E 216 -19.97 13.54 19.92
CA TRP E 216 -20.31 13.59 18.50
C TRP E 216 -19.07 13.48 17.66
N GLU E 217 -19.14 12.67 16.62
CA GLU E 217 -18.03 12.52 15.71
C GLU E 217 -18.49 12.21 14.28
N ALA E 218 -18.07 13.04 13.34
CA ALA E 218 -18.41 12.85 11.93
C ALA E 218 -17.52 13.68 11.02
N ARG E 219 -17.60 13.39 9.73
CA ARG E 219 -16.79 14.11 8.77
C ARG E 219 -17.63 14.66 7.64
N GLY E 220 -17.17 15.77 7.05
CA GLY E 220 -17.87 16.39 5.94
C GLY E 220 -17.88 15.60 4.65
N SER E 221 -19.03 15.42 4.04
CA SER E 221 -19.07 14.67 2.81
C SER E 221 -18.54 15.49 1.63
N PHE E 222 -17.63 14.89 0.85
CA PHE E 222 -17.06 15.52 -0.34
C PHE E 222 -16.18 14.53 -1.08
N SER E 223 -16.07 14.66 -2.40
CA SER E 223 -15.23 13.71 -3.15
C SER E 223 -13.86 14.31 -3.43
N GLN E 224 -13.01 13.57 -4.14
CA GLN E 224 -11.68 14.10 -4.44
C GLN E 224 -11.78 15.32 -5.34
N ALA E 225 -12.51 15.16 -6.46
CA ALA E 225 -12.72 16.23 -7.43
C ALA E 225 -13.06 17.57 -6.79
N ASP E 226 -13.41 17.54 -5.50
CA ASP E 226 -13.77 18.74 -4.74
C ASP E 226 -12.57 19.34 -4.00
N VAL E 227 -11.38 18.80 -4.24
CA VAL E 227 -10.19 19.34 -3.62
C VAL E 227 -9.50 20.09 -4.77
N HIS E 228 -9.56 21.41 -4.75
CA HIS E 228 -8.97 22.23 -5.80
C HIS E 228 -7.49 22.46 -5.57
N ARG E 229 -6.68 22.24 -6.61
CA ARG E 229 -5.24 22.43 -6.55
C ARG E 229 -4.75 22.27 -5.12
N GLN E 230 -5.14 21.14 -4.54
CA GLN E 230 -4.82 20.78 -3.17
C GLN E 230 -4.65 21.92 -2.19
N VAL E 231 -5.44 22.98 -2.35
CA VAL E 231 -5.34 24.11 -1.45
C VAL E 231 -6.75 24.69 -1.16
N ALA E 232 -7.77 23.87 -1.40
CA ALA E 232 -9.17 24.24 -1.18
C ALA E 232 -10.06 23.02 -1.28
N ILE E 233 -11.02 22.93 -0.37
CA ILE E 233 -11.93 21.82 -0.37
C ILE E 233 -13.32 22.38 -0.30
N VAL E 234 -14.26 21.73 -0.98
CA VAL E 234 -15.65 22.17 -0.98
C VAL E 234 -16.45 20.98 -0.48
N PHE E 235 -16.65 20.91 0.83
CA PHE E 235 -17.39 19.82 1.43
C PHE E 235 -18.76 20.23 1.91
N ARG E 236 -19.60 19.24 2.22
CA ARG E 236 -20.93 19.53 2.75
C ARG E 236 -20.94 19.17 4.24
N THR E 237 -21.45 20.08 5.05
CA THR E 237 -21.51 19.90 6.49
C THR E 237 -22.26 18.65 6.90
N PRO E 238 -21.73 17.92 7.89
CA PRO E 238 -22.31 16.67 8.41
C PRO E 238 -23.44 16.88 9.44
N PRO E 239 -24.50 16.04 9.36
CA PRO E 239 -25.68 16.09 10.25
C PRO E 239 -25.28 16.02 11.71
N TYR E 240 -25.67 17.01 12.51
CA TYR E 240 -25.34 16.93 13.92
C TYR E 240 -26.19 15.83 14.58
N ALA E 241 -25.78 15.45 15.78
CA ALA E 241 -26.47 14.41 16.54
C ALA E 241 -27.94 14.69 16.83
N ASP E 242 -28.27 15.95 17.12
CA ASP E 242 -29.65 16.35 17.43
C ASP E 242 -30.41 17.00 16.27
N PRO E 243 -31.28 16.21 15.62
CA PRO E 243 -32.11 16.62 14.47
C PRO E 243 -33.09 17.74 14.81
N SER E 244 -33.08 18.17 16.06
CA SER E 244 -33.99 19.22 16.49
C SER E 244 -33.33 20.00 17.61
N LEU E 245 -32.17 20.58 17.31
CA LEU E 245 -31.42 21.37 18.27
C LEU E 245 -32.26 22.60 18.63
N GLN E 246 -31.80 23.38 19.61
CA GLN E 246 -32.53 24.60 20.02
C GLN E 246 -31.65 25.78 20.44
N ALA E 247 -30.37 25.71 20.13
CA ALA E 247 -29.45 26.79 20.50
C ALA E 247 -28.06 26.53 19.93
N PRO E 248 -27.22 27.58 19.88
CA PRO E 248 -25.87 27.45 19.34
C PRO E 248 -25.05 26.42 20.10
N VAL E 249 -24.58 25.39 19.39
CA VAL E 249 -23.72 24.37 19.98
C VAL E 249 -22.38 24.39 19.24
N ARG E 250 -21.60 25.43 19.52
CA ARG E 250 -20.31 25.57 18.86
C ARG E 250 -19.40 24.35 19.03
N VAL E 251 -19.27 23.58 17.95
CA VAL E 251 -18.44 22.37 17.91
C VAL E 251 -17.12 22.75 17.27
N SER E 252 -16.31 21.74 16.94
CA SER E 252 -15.03 22.03 16.31
C SER E 252 -14.77 21.29 15.03
N MET E 253 -14.16 22.02 14.10
CA MET E 253 -13.87 21.51 12.78
C MET E 253 -12.39 21.56 12.50
N GLN E 254 -11.86 20.44 12.02
CA GLN E 254 -10.45 20.38 11.70
C GLN E 254 -10.14 19.38 10.60
N LEU E 255 -9.10 19.71 9.85
CA LEU E 255 -8.58 18.91 8.74
C LEU E 255 -7.87 17.69 9.34
N ARG E 256 -8.15 16.51 8.79
CA ARG E 256 -7.52 15.29 9.28
C ARG E 256 -6.88 14.50 8.15
N ARG E 257 -5.72 13.92 8.44
CA ARG E 257 -4.99 13.12 7.48
C ARG E 257 -4.98 11.63 7.87
N PRO E 258 -5.82 10.81 7.20
CA PRO E 258 -5.90 9.36 7.49
C PRO E 258 -4.54 8.71 7.77
N SER E 259 -3.71 8.62 6.74
CA SER E 259 -2.40 8.03 6.86
C SER E 259 -1.72 8.43 8.17
N ASP E 260 -1.15 9.62 8.17
CA ASP E 260 -0.47 10.17 9.32
C ASP E 260 -1.30 10.10 10.59
N ARG E 261 -2.63 10.09 10.45
CA ARG E 261 -3.52 10.11 11.61
C ARG E 261 -3.35 11.47 12.28
N GLU E 262 -2.93 12.47 11.50
CA GLU E 262 -2.74 13.81 12.03
C GLU E 262 -3.99 14.68 11.90
N LEU E 263 -4.15 15.58 12.87
CA LEU E 263 -5.29 16.49 12.93
C LEU E 263 -4.90 17.95 12.94
N SER E 264 -5.45 18.71 12.01
CA SER E 264 -5.15 20.14 11.92
C SER E 264 -5.64 20.84 13.18
N GLU E 265 -5.20 22.09 13.37
CA GLU E 265 -5.64 22.85 14.54
C GLU E 265 -7.17 22.85 14.51
N PRO E 266 -7.78 23.30 15.60
CA PRO E 266 -9.24 23.32 15.63
C PRO E 266 -9.81 24.65 15.17
N MET E 267 -11.00 24.59 14.56
CA MET E 267 -11.71 25.78 14.10
C MET E 267 -13.16 25.54 14.51
N GLU E 268 -13.81 26.57 15.06
CA GLU E 268 -15.19 26.43 15.49
C GLU E 268 -16.23 26.58 14.38
N PHE E 269 -17.29 25.80 14.49
CA PHE E 269 -18.39 25.81 13.56
C PHE E 269 -19.69 25.71 14.36
N GLN E 270 -20.33 26.85 14.58
CA GLN E 270 -21.58 26.90 15.34
C GLN E 270 -22.76 26.24 14.66
N TYR E 271 -23.27 25.20 15.30
CA TYR E 271 -24.42 24.49 14.80
C TYR E 271 -25.69 25.12 15.35
N LEU E 272 -26.42 25.82 14.50
CA LEU E 272 -27.65 26.46 14.93
C LEU E 272 -28.84 25.54 14.76
N PRO E 273 -29.99 25.94 15.30
CA PRO E 273 -31.18 25.11 15.19
C PRO E 273 -32.03 25.27 13.93
N ASP E 274 -32.55 24.15 13.43
CA ASP E 274 -33.47 24.11 12.31
C ASP E 274 -33.02 24.78 11.02
N GLY F 2 11.10 35.01 -56.68
CA GLY F 2 10.31 36.24 -56.99
C GLY F 2 9.29 36.58 -55.91
N PRO F 3 8.29 35.70 -55.71
CA PRO F 3 7.19 35.83 -54.73
C PRO F 3 7.58 36.05 -53.26
N TYR F 4 6.68 35.65 -52.37
CA TYR F 4 6.86 35.81 -50.94
C TYR F 4 6.13 34.73 -50.18
N LEU F 5 6.26 34.78 -48.86
CA LEU F 5 5.61 33.85 -47.96
C LEU F 5 4.37 34.53 -47.38
N GLN F 6 3.49 33.74 -46.76
CA GLN F 6 2.31 34.30 -46.14
C GLN F 6 2.00 33.47 -44.90
N ILE F 7 1.98 34.14 -43.75
CA ILE F 7 1.71 33.49 -42.48
C ILE F 7 0.29 32.97 -42.36
N LEU F 8 -0.46 33.03 -43.47
CA LEU F 8 -1.84 32.56 -43.56
C LEU F 8 -2.52 32.42 -42.21
N GLU F 9 -2.26 31.31 -41.52
CA GLU F 9 -2.83 31.05 -40.20
C GLU F 9 -1.73 30.90 -39.13
N GLN F 10 -1.50 31.98 -38.38
CA GLN F 10 -0.49 31.97 -37.33
C GLN F 10 -0.86 30.99 -36.23
N PRO F 11 -0.01 30.91 -35.18
CA PRO F 11 -0.21 30.02 -34.03
C PRO F 11 -1.13 30.68 -33.00
N LYS F 12 -1.79 29.88 -32.17
CA LYS F 12 -2.75 30.39 -31.17
C LYS F 12 -2.20 31.46 -30.24
N GLN F 13 -0.89 31.56 -30.13
CA GLN F 13 -0.25 32.59 -29.30
C GLN F 13 -0.33 32.50 -27.78
N ARG F 14 -1.29 31.75 -27.25
CA ARG F 14 -1.44 31.57 -25.81
C ARG F 14 -2.16 30.27 -25.60
N GLY F 15 -1.93 29.64 -24.45
CA GLY F 15 -2.59 28.38 -24.15
C GLY F 15 -1.69 27.19 -24.36
N PHE F 16 -0.58 27.40 -25.06
CA PHE F 16 0.35 26.32 -25.31
C PHE F 16 1.39 26.26 -24.20
N ARG F 17 1.68 25.04 -23.75
CA ARG F 17 2.64 24.81 -22.69
C ARG F 17 3.87 24.14 -23.25
N PHE F 18 5.01 24.80 -23.12
CA PHE F 18 6.27 24.27 -23.60
C PHE F 18 6.56 23.03 -22.80
N ARG F 19 7.53 22.24 -23.27
CA ARG F 19 7.89 21.02 -22.55
C ARG F 19 9.39 20.83 -22.51
N TYR F 20 9.86 20.22 -21.43
CA TYR F 20 11.28 19.93 -21.27
C TYR F 20 11.48 18.52 -21.77
N VAL F 21 12.72 18.18 -22.08
CA VAL F 21 13.03 16.85 -22.59
C VAL F 21 12.43 15.79 -21.68
N CYS F 22 12.41 16.08 -20.38
CA CYS F 22 11.85 15.15 -19.41
C CYS F 22 10.43 14.66 -19.78
N GLU F 23 9.56 15.56 -20.22
CA GLU F 23 8.19 15.16 -20.60
C GLU F 23 8.16 14.19 -21.79
N GLY F 24 9.27 14.11 -22.51
CA GLY F 24 9.40 13.20 -23.64
C GLY F 24 8.29 12.97 -24.67
N PRO F 25 7.49 11.91 -24.52
CA PRO F 25 6.39 11.57 -25.43
C PRO F 25 5.61 12.75 -26.00
N SER F 26 4.71 12.43 -26.93
CA SER F 26 3.89 13.45 -27.55
C SER F 26 3.07 14.11 -26.47
N HIS F 27 2.83 15.40 -26.64
CA HIS F 27 2.05 16.16 -25.69
C HIS F 27 1.23 17.19 -26.45
N GLY F 28 0.94 16.89 -27.71
CA GLY F 28 0.12 17.77 -28.51
C GLY F 28 0.76 18.32 -29.77
N GLY F 29 0.12 19.33 -30.34
CA GLY F 29 0.64 19.96 -31.53
C GLY F 29 0.39 21.44 -31.43
N LEU F 30 1.42 22.25 -31.67
CA LEU F 30 1.26 23.70 -31.60
C LEU F 30 0.04 24.16 -32.41
N PRO F 31 -1.04 24.58 -31.73
CA PRO F 31 -2.31 25.04 -32.30
C PRO F 31 -2.28 26.24 -33.24
N GLY F 32 -3.34 26.37 -34.03
CA GLY F 32 -3.46 27.48 -34.96
C GLY F 32 -4.24 28.56 -34.26
N ALA F 33 -4.19 29.79 -34.75
CA ALA F 33 -4.90 30.89 -34.11
C ALA F 33 -6.40 30.81 -34.41
N SER F 34 -6.84 29.64 -34.88
CA SER F 34 -8.24 29.40 -35.21
C SER F 34 -8.71 28.08 -34.67
N SER F 35 -7.79 27.30 -34.12
CA SER F 35 -8.18 26.02 -33.56
C SER F 35 -9.24 26.25 -32.49
N GLU F 36 -10.27 25.42 -32.51
CA GLU F 36 -11.37 25.50 -31.56
C GLU F 36 -11.89 24.08 -31.34
N LYS F 37 -11.06 23.22 -30.78
CA LYS F 37 -11.46 21.85 -30.47
C LYS F 37 -12.19 21.14 -31.61
N ASN F 38 -13.50 21.38 -31.71
CA ASN F 38 -14.31 20.75 -32.75
C ASN F 38 -13.92 21.32 -34.09
N LYS F 39 -12.61 21.45 -34.29
CA LYS F 39 -12.01 21.99 -35.50
C LYS F 39 -10.68 22.53 -34.97
N LYS F 40 -9.59 21.91 -35.39
CA LYS F 40 -8.29 22.35 -34.94
C LYS F 40 -7.36 22.54 -36.12
N SER F 41 -6.50 23.56 -36.04
CA SER F 41 -5.58 23.83 -37.12
C SER F 41 -4.15 23.94 -36.64
N TYR F 42 -3.28 24.41 -37.55
CA TYR F 42 -1.85 24.56 -37.27
C TYR F 42 -1.33 25.72 -38.11
N PRO F 43 -0.31 26.43 -37.60
CA PRO F 43 0.25 27.56 -38.32
C PRO F 43 0.50 27.23 -39.78
N GLN F 44 -0.30 27.82 -40.68
CA GLN F 44 -0.13 27.58 -42.11
C GLN F 44 0.53 28.73 -42.81
N VAL F 45 1.43 28.39 -43.74
CA VAL F 45 2.14 29.41 -44.51
C VAL F 45 1.75 29.24 -45.97
N LYS F 46 2.17 30.17 -46.82
CA LYS F 46 1.89 30.09 -48.25
C LYS F 46 2.72 31.10 -49.03
N ILE F 47 3.03 30.73 -50.27
CA ILE F 47 3.81 31.57 -51.17
C ILE F 47 2.81 32.11 -52.19
N CYS F 48 3.23 33.02 -53.06
CA CYS F 48 2.29 33.56 -54.06
C CYS F 48 2.70 33.24 -55.50
N ASN F 49 3.77 33.90 -55.95
CA ASN F 49 4.25 33.69 -57.30
C ASN F 49 4.89 32.29 -57.35
N TYR F 50 4.03 31.27 -57.35
CA TYR F 50 4.43 29.87 -57.40
C TYR F 50 5.80 29.63 -58.02
N VAL F 51 6.53 28.70 -57.42
CA VAL F 51 7.87 28.35 -57.88
C VAL F 51 7.93 26.83 -57.91
N GLY F 52 6.85 26.24 -58.44
CA GLY F 52 6.80 24.80 -58.52
C GLY F 52 7.10 24.23 -57.15
N PRO F 53 8.25 23.57 -56.97
CA PRO F 53 8.67 22.98 -55.71
C PRO F 53 9.49 23.98 -54.93
N ALA F 54 9.53 23.82 -53.61
CA ALA F 54 10.29 24.73 -52.76
C ALA F 54 10.44 24.18 -51.36
N LYS F 55 11.49 24.62 -50.68
CA LYS F 55 11.76 24.19 -49.31
C LYS F 55 11.63 25.36 -48.35
N VAL F 56 10.77 25.19 -47.35
CA VAL F 56 10.54 26.21 -46.34
C VAL F 56 11.01 25.75 -44.95
N ILE F 57 12.10 26.30 -44.44
CA ILE F 57 12.55 25.91 -43.11
C ILE F 57 12.08 26.91 -42.10
N VAL F 58 11.74 26.43 -40.91
CA VAL F 58 11.29 27.28 -39.81
C VAL F 58 12.05 27.01 -38.51
N GLN F 59 12.54 28.09 -37.90
CA GLN F 59 13.28 28.02 -36.64
C GLN F 59 12.71 28.98 -35.59
N LEU F 60 12.94 28.68 -34.31
CA LEU F 60 12.41 29.56 -33.26
C LEU F 60 13.33 30.76 -33.02
N VAL F 61 12.80 31.97 -33.18
CA VAL F 61 13.60 33.18 -32.95
C VAL F 61 13.19 33.85 -31.63
N THR F 62 13.79 34.99 -31.32
CA THR F 62 13.48 35.68 -30.08
C THR F 62 12.63 36.93 -30.19
N ASN F 63 11.71 37.11 -29.23
CA ASN F 63 10.79 38.23 -29.22
C ASN F 63 11.42 39.54 -28.74
N GLY F 64 12.57 39.91 -29.33
CA GLY F 64 13.23 41.14 -28.94
C GLY F 64 13.41 42.05 -30.14
N LYS F 65 13.59 43.34 -29.89
CA LYS F 65 13.75 44.31 -30.97
C LYS F 65 14.73 43.84 -32.04
N ASN F 66 15.76 43.12 -31.62
CA ASN F 66 16.77 42.60 -32.51
C ASN F 66 16.62 41.08 -32.64
N ILE F 67 15.67 40.67 -33.48
CA ILE F 67 15.37 39.26 -33.74
C ILE F 67 16.64 38.39 -33.74
N HIS F 68 16.68 37.42 -32.83
CA HIS F 68 17.80 36.50 -32.71
C HIS F 68 17.30 35.06 -32.55
N LEU F 69 18.25 34.13 -32.50
CA LEU F 69 17.94 32.73 -32.33
C LEU F 69 17.63 32.41 -30.87
N HIS F 70 16.53 31.71 -30.64
CA HIS F 70 16.14 31.33 -29.28
C HIS F 70 16.68 29.93 -29.02
N ALA F 71 17.07 29.66 -27.77
CA ALA F 71 17.62 28.37 -27.40
C ALA F 71 16.64 27.22 -27.55
N HIS F 72 15.39 27.40 -27.13
CA HIS F 72 14.36 26.35 -27.26
C HIS F 72 14.45 25.72 -28.64
N SER F 73 14.10 24.45 -28.72
CA SER F 73 14.15 23.73 -29.99
C SER F 73 12.76 23.33 -30.47
N LEU F 74 12.44 23.72 -31.69
CA LEU F 74 11.16 23.39 -32.28
C LEU F 74 11.19 21.92 -32.68
N VAL F 75 10.95 21.02 -31.74
CA VAL F 75 10.95 19.58 -32.06
C VAL F 75 9.62 19.08 -32.65
N GLY F 76 9.70 18.33 -33.74
CA GLY F 76 8.50 17.82 -34.36
C GLY F 76 8.73 16.63 -35.29
N LYS F 77 8.32 16.77 -36.54
CA LYS F 77 8.47 15.71 -37.53
C LYS F 77 9.77 15.91 -38.29
N HIS F 78 9.68 16.67 -39.37
CA HIS F 78 10.85 16.96 -40.19
C HIS F 78 11.91 17.75 -39.42
N CYS F 79 11.55 18.20 -38.22
CA CYS F 79 12.46 18.96 -37.38
C CYS F 79 13.65 18.12 -36.99
N GLU F 80 14.73 18.81 -36.65
CA GLU F 80 16.00 18.22 -36.23
C GLU F 80 16.88 19.42 -35.86
N ASP F 81 17.25 19.54 -34.59
CA ASP F 81 18.09 20.64 -34.13
C ASP F 81 17.30 21.94 -34.18
N GLY F 82 15.98 21.79 -34.27
CA GLY F 82 15.10 22.94 -34.31
C GLY F 82 14.97 23.66 -35.65
N VAL F 83 14.97 22.94 -36.76
CA VAL F 83 14.84 23.58 -38.08
C VAL F 83 13.89 22.81 -38.99
N CYS F 84 12.72 22.47 -38.47
CA CYS F 84 11.73 21.73 -39.22
C CYS F 84 11.78 22.17 -40.68
N THR F 85 12.10 21.23 -41.56
CA THR F 85 12.17 21.51 -42.98
C THR F 85 11.06 20.81 -43.73
N VAL F 86 10.20 21.60 -44.38
CA VAL F 86 9.08 21.05 -45.15
C VAL F 86 9.23 21.35 -46.63
N THR F 87 8.94 20.35 -47.48
CA THR F 87 9.06 20.51 -48.92
C THR F 87 7.76 20.89 -49.56
N ALA F 88 7.56 22.20 -49.68
CA ALA F 88 6.34 22.73 -50.27
C ALA F 88 6.05 22.04 -51.60
N GLY F 89 5.00 21.22 -51.58
CA GLY F 89 4.59 20.47 -52.76
C GLY F 89 4.43 21.38 -53.97
N PRO F 90 4.45 20.81 -55.19
CA PRO F 90 4.30 21.56 -56.43
C PRO F 90 2.86 21.99 -56.68
N LYS F 91 2.69 23.11 -57.39
CA LYS F 91 1.38 23.67 -57.69
C LYS F 91 0.66 24.18 -56.45
N ASP F 92 0.66 23.37 -55.39
CA ASP F 92 0.04 23.74 -54.12
C ASP F 92 1.07 24.49 -53.28
N MET F 93 1.06 25.81 -53.34
CA MET F 93 2.02 26.58 -52.56
C MET F 93 1.59 26.82 -51.12
N VAL F 94 0.81 25.89 -50.58
CA VAL F 94 0.36 26.03 -49.20
C VAL F 94 0.57 24.76 -48.37
N VAL F 95 1.70 24.72 -47.67
CA VAL F 95 2.04 23.59 -46.80
C VAL F 95 1.99 24.01 -45.34
N GLY F 96 1.11 23.38 -44.57
CA GLY F 96 0.98 23.70 -43.15
C GLY F 96 1.91 22.88 -42.28
N PHE F 97 2.03 23.28 -41.02
CA PHE F 97 2.89 22.59 -40.08
C PHE F 97 2.06 21.96 -38.99
N ALA F 98 1.86 20.65 -39.10
CA ALA F 98 1.08 19.87 -38.15
C ALA F 98 1.53 20.02 -36.71
N ASN F 99 1.38 18.94 -35.95
CA ASN F 99 1.78 18.93 -34.54
C ASN F 99 3.28 19.18 -34.39
N LEU F 100 3.63 20.44 -34.15
CA LEU F 100 5.00 20.86 -33.99
C LEU F 100 5.56 20.55 -32.60
N GLY F 101 5.16 21.35 -31.60
CA GLY F 101 5.64 21.14 -30.24
C GLY F 101 6.93 21.89 -29.98
N ILE F 102 6.96 22.70 -28.91
CA ILE F 102 8.11 23.52 -28.52
C ILE F 102 8.89 22.81 -27.44
N LEU F 103 10.21 22.81 -27.56
CA LEU F 103 11.04 22.18 -26.54
C LEU F 103 11.69 23.27 -25.73
N HIS F 104 11.55 23.16 -24.41
CA HIS F 104 12.04 24.13 -23.42
C HIS F 104 13.43 23.82 -22.92
N VAL F 105 14.37 24.70 -23.23
CA VAL F 105 15.73 24.52 -22.80
C VAL F 105 15.78 25.00 -21.37
N THR F 106 16.79 24.58 -20.61
CA THR F 106 16.90 25.06 -19.24
C THR F 106 17.65 26.37 -19.23
N LYS F 107 17.70 27.00 -18.07
CA LYS F 107 18.38 28.28 -17.94
C LYS F 107 19.87 28.05 -17.92
N LYS F 108 20.25 26.79 -17.67
CA LYS F 108 21.64 26.36 -17.61
C LYS F 108 22.11 25.89 -18.98
N LYS F 109 21.19 25.33 -19.76
CA LYS F 109 21.54 24.85 -21.09
C LYS F 109 21.29 25.91 -22.19
N VAL F 110 21.12 27.18 -21.80
CA VAL F 110 20.87 28.23 -22.80
C VAL F 110 22.08 28.54 -23.70
N PHE F 111 23.23 28.92 -23.13
CA PHE F 111 24.42 29.21 -23.94
C PHE F 111 24.95 27.89 -24.52
N GLU F 112 24.90 26.85 -23.72
CA GLU F 112 25.33 25.53 -24.15
C GLU F 112 24.54 25.12 -25.41
N THR F 113 23.21 25.12 -25.34
CA THR F 113 22.37 24.75 -26.48
C THR F 113 22.44 25.82 -27.56
N LEU F 114 22.61 27.06 -27.15
CA LEU F 114 22.66 28.13 -28.14
C LEU F 114 23.86 28.01 -29.10
N GLU F 115 25.04 27.63 -28.60
CA GLU F 115 26.22 27.50 -29.46
C GLU F 115 25.86 26.75 -30.74
N ALA F 116 25.31 25.54 -30.55
CA ALA F 116 24.94 24.68 -31.68
C ALA F 116 24.04 25.38 -32.69
N ARG F 117 23.00 26.02 -32.20
CA ARG F 117 22.07 26.71 -33.08
C ARG F 117 22.78 27.72 -33.99
N MET F 118 23.72 28.47 -33.45
CA MET F 118 24.44 29.46 -34.24
C MET F 118 25.47 28.75 -35.09
N THR F 119 26.14 27.77 -34.49
CA THR F 119 27.13 26.99 -35.20
C THR F 119 26.39 26.54 -36.45
N GLU F 120 25.34 25.76 -36.23
CA GLU F 120 24.52 25.26 -37.32
C GLU F 120 23.90 26.47 -38.02
N ALA F 121 23.20 26.24 -39.12
CA ALA F 121 22.61 27.35 -39.88
C ALA F 121 23.78 28.03 -40.60
N CYS F 122 24.77 28.43 -39.83
CA CYS F 122 25.96 29.06 -40.39
C CYS F 122 26.56 28.00 -41.31
N ILE F 123 26.20 26.75 -41.05
CA ILE F 123 26.67 25.61 -41.80
C ILE F 123 25.63 25.24 -42.84
N ARG F 124 24.46 24.82 -42.34
CA ARG F 124 23.34 24.40 -43.20
C ARG F 124 22.79 25.50 -44.10
N GLY F 125 23.35 26.70 -44.02
CA GLY F 125 22.87 27.79 -44.85
C GLY F 125 21.47 28.19 -44.43
N TYR F 126 21.37 28.72 -43.22
CA TYR F 126 20.08 29.10 -42.69
C TYR F 126 20.02 30.51 -42.11
N ASN F 127 19.40 31.41 -42.85
CA ASN F 127 19.26 32.77 -42.40
C ASN F 127 20.62 33.42 -42.19
N PRO F 128 20.94 34.44 -43.00
CA PRO F 128 22.19 35.21 -43.00
C PRO F 128 22.43 36.13 -41.80
N GLY F 129 23.09 35.63 -40.76
CA GLY F 129 23.36 36.46 -39.60
C GLY F 129 22.32 37.55 -39.44
N LEU F 130 21.07 37.14 -39.54
CA LEU F 130 19.93 38.03 -39.39
C LEU F 130 19.46 37.74 -37.96
N LEU F 131 20.08 36.71 -37.39
CA LEU F 131 19.75 36.31 -36.04
C LEU F 131 21.03 36.26 -35.22
N VAL F 132 22.13 35.83 -35.84
CA VAL F 132 23.41 35.70 -35.17
C VAL F 132 24.14 37.03 -35.00
N HIS F 133 24.53 37.63 -36.13
CA HIS F 133 25.25 38.89 -36.15
C HIS F 133 25.26 39.46 -37.57
N SER F 134 25.65 40.72 -37.68
CA SER F 134 25.68 41.39 -38.98
C SER F 134 27.04 41.32 -39.68
N ASP F 135 27.86 40.34 -39.31
CA ASP F 135 29.18 40.21 -39.93
C ASP F 135 29.24 39.01 -40.85
N LEU F 136 28.16 38.23 -40.89
CA LEU F 136 28.13 37.05 -41.73
C LEU F 136 27.35 37.24 -43.03
N ALA F 137 26.05 37.02 -43.01
CA ALA F 137 25.23 37.21 -44.19
C ALA F 137 25.58 36.23 -45.31
N TYR F 138 26.77 35.62 -45.24
CA TYR F 138 27.14 34.66 -46.26
C TYR F 138 27.11 33.24 -45.70
N LEU F 139 25.96 32.86 -45.16
CA LEU F 139 25.76 31.53 -44.60
C LEU F 139 24.67 30.87 -45.44
N GLN F 140 24.76 31.05 -46.76
CA GLN F 140 23.76 30.50 -47.68
C GLN F 140 24.15 29.19 -48.37
N ALA F 141 25.19 29.26 -49.20
CA ALA F 141 25.67 28.09 -49.92
C ALA F 141 27.12 28.25 -50.37
N GLU F 142 27.49 29.49 -50.70
CA GLU F 142 28.86 29.80 -51.16
C GLU F 142 29.11 29.13 -52.52
N GLY F 143 28.82 27.84 -52.59
CA GLY F 143 29.02 27.10 -53.81
C GLY F 143 29.08 25.61 -53.50
N GLY F 144 30.14 25.19 -52.81
CA GLY F 144 30.29 23.78 -52.46
C GLY F 144 31.30 23.54 -51.35
N GLY F 145 31.04 22.54 -50.53
CA GLY F 145 31.95 22.21 -49.44
C GLY F 145 31.24 21.80 -48.16
N ASP F 146 31.64 22.40 -47.04
CA ASP F 146 31.03 22.09 -45.75
C ASP F 146 30.84 23.36 -44.93
N ARG F 147 31.45 24.45 -45.39
CA ARG F 147 31.37 25.75 -44.74
C ARG F 147 31.89 25.79 -43.28
N GLN F 148 33.07 25.24 -43.03
CA GLN F 148 33.60 25.25 -41.67
C GLN F 148 33.97 26.64 -41.16
N LEU F 149 33.67 27.66 -41.99
CA LEU F 149 33.93 29.06 -41.66
C LEU F 149 35.23 29.29 -40.90
N THR F 150 36.13 28.33 -40.97
CA THR F 150 37.42 28.43 -40.28
C THR F 150 37.26 28.52 -38.76
N ASP F 151 38.34 28.15 -38.08
CA ASP F 151 38.39 28.15 -36.62
C ASP F 151 38.39 29.58 -36.06
N ARG F 152 38.54 30.55 -36.94
CA ARG F 152 38.56 31.95 -36.56
C ARG F 152 37.16 32.44 -36.22
N GLU F 153 36.37 32.59 -37.27
CA GLU F 153 35.01 33.06 -37.17
C GLU F 153 34.28 32.52 -35.94
N LYS F 154 34.70 31.35 -35.46
CA LYS F 154 34.08 30.74 -34.29
C LYS F 154 33.95 31.72 -33.12
N GLU F 155 34.87 32.66 -33.01
CA GLU F 155 34.87 33.62 -31.90
C GLU F 155 33.70 34.60 -31.84
N ILE F 156 33.11 34.91 -32.99
CA ILE F 156 31.97 35.82 -33.01
C ILE F 156 30.73 35.04 -32.58
N ILE F 157 30.52 33.88 -33.21
CA ILE F 157 29.39 33.01 -32.87
C ILE F 157 29.33 32.77 -31.38
N ARG F 158 30.35 32.09 -30.86
CA ARG F 158 30.42 31.77 -29.45
C ARG F 158 30.22 33.01 -28.57
N GLN F 159 30.85 34.12 -28.92
CA GLN F 159 30.70 35.32 -28.11
C GLN F 159 29.33 35.97 -28.31
N ALA F 160 28.67 35.61 -29.40
CA ALA F 160 27.35 36.12 -29.73
C ALA F 160 26.40 35.31 -28.89
N ALA F 161 26.84 34.09 -28.56
CA ALA F 161 26.03 33.21 -27.73
C ALA F 161 26.22 33.61 -26.26
N VAL F 162 27.04 34.64 -26.01
CA VAL F 162 27.33 35.12 -24.66
C VAL F 162 26.54 36.34 -24.23
N GLN F 163 26.19 37.20 -25.18
CA GLN F 163 25.41 38.39 -24.85
C GLN F 163 23.94 38.22 -25.12
N GLN F 164 23.58 37.19 -25.87
CA GLN F 164 22.18 36.94 -26.17
C GLN F 164 21.61 36.04 -25.08
N THR F 165 22.44 35.10 -24.62
CA THR F 165 22.02 34.17 -23.59
C THR F 165 21.79 34.90 -22.26
N LYS F 166 22.22 36.15 -22.20
CA LYS F 166 22.08 36.94 -20.98
C LYS F 166 20.74 37.62 -20.91
N GLU F 167 20.18 37.97 -22.06
CA GLU F 167 18.89 38.64 -22.07
C GLU F 167 17.78 37.71 -22.52
N MET F 168 18.15 36.61 -23.14
CA MET F 168 17.18 35.64 -23.60
C MET F 168 16.05 35.40 -22.59
N ASP F 169 14.83 35.33 -23.11
CA ASP F 169 13.67 35.06 -22.27
C ASP F 169 13.17 33.68 -22.68
N LEU F 170 13.18 32.73 -21.74
CA LEU F 170 12.77 31.38 -22.07
C LEU F 170 11.25 31.17 -22.04
N SER F 171 10.50 32.25 -21.88
CA SER F 171 9.03 32.12 -21.78
C SER F 171 8.25 32.37 -23.06
N VAL F 172 8.88 33.02 -24.03
CA VAL F 172 8.19 33.33 -25.28
C VAL F 172 9.08 33.14 -26.49
N VAL F 173 8.47 32.72 -27.59
CA VAL F 173 9.20 32.49 -28.82
C VAL F 173 8.43 33.02 -30.02
N ARG F 174 9.01 32.85 -31.21
CA ARG F 174 8.39 33.30 -32.45
C ARG F 174 8.93 32.45 -33.57
N LEU F 175 8.04 32.01 -34.45
CA LEU F 175 8.40 31.20 -35.59
C LEU F 175 9.12 32.05 -36.63
N MET F 176 9.99 31.47 -37.43
CA MET F 176 10.69 32.25 -38.46
C MET F 176 10.67 31.49 -39.76
N PHE F 177 9.60 31.70 -40.53
CA PHE F 177 9.41 31.03 -41.79
C PHE F 177 10.29 31.57 -42.88
N THR F 178 11.12 30.71 -43.43
CA THR F 178 12.04 31.05 -44.51
C THR F 178 11.84 30.11 -45.69
N ALA F 179 11.70 30.67 -46.90
CA ALA F 179 11.49 29.87 -48.10
C ALA F 179 12.70 29.82 -49.03
N PHE F 180 12.96 28.64 -49.58
CA PHE F 180 14.08 28.45 -50.51
C PHE F 180 13.59 27.87 -51.81
N LEU F 181 13.78 28.63 -52.89
CA LEU F 181 13.37 28.21 -54.24
C LEU F 181 14.56 27.61 -54.96
N PRO F 182 14.31 26.58 -55.78
CA PRO F 182 15.37 25.89 -56.53
C PRO F 182 16.25 26.87 -57.33
N ASP F 183 17.41 26.41 -57.78
CA ASP F 183 18.31 27.26 -58.56
C ASP F 183 18.74 26.55 -59.84
N SER F 184 19.86 26.98 -60.42
CA SER F 184 20.35 26.38 -61.67
C SER F 184 20.72 24.92 -61.43
N THR F 185 21.38 24.67 -60.31
CA THR F 185 21.84 23.34 -59.92
C THR F 185 20.66 22.47 -59.53
N GLY F 186 19.47 23.06 -59.47
CA GLY F 186 18.29 22.31 -59.08
C GLY F 186 18.15 22.34 -57.56
N SER F 187 19.19 22.83 -56.89
CA SER F 187 19.19 22.93 -55.44
C SER F 187 18.39 24.15 -54.98
N PHE F 188 18.19 24.30 -53.69
CA PHE F 188 17.40 25.41 -53.13
C PHE F 188 18.27 26.45 -52.45
N THR F 189 18.79 27.40 -53.21
CA THR F 189 19.70 28.43 -52.67
C THR F 189 19.14 29.84 -52.54
N ARG F 190 17.97 30.08 -53.14
CA ARG F 190 17.39 31.41 -53.11
C ARG F 190 16.62 31.72 -51.81
N ARG F 191 17.23 32.54 -50.95
CA ARG F 191 16.66 32.93 -49.65
C ARG F 191 15.54 33.96 -49.80
N LEU F 192 14.31 33.54 -49.51
CA LEU F 192 13.18 34.45 -49.57
C LEU F 192 12.98 35.10 -48.21
N GLU F 193 13.01 36.43 -48.19
CA GLU F 193 12.86 37.21 -46.96
C GLU F 193 12.04 36.47 -45.93
N PRO F 194 12.65 36.16 -44.78
CA PRO F 194 11.95 35.46 -43.71
C PRO F 194 10.76 36.25 -43.16
N VAL F 195 9.78 35.55 -42.61
CA VAL F 195 8.61 36.19 -42.04
C VAL F 195 8.36 35.65 -40.61
N VAL F 196 8.70 36.41 -39.58
CA VAL F 196 8.47 35.90 -38.23
C VAL F 196 6.99 35.86 -37.86
N SER F 197 6.65 34.90 -37.01
CA SER F 197 5.28 34.72 -36.57
C SER F 197 4.96 35.81 -35.59
N ASP F 198 3.78 35.72 -34.98
CA ASP F 198 3.32 36.67 -34.00
C ASP F 198 4.18 36.66 -32.74
N ALA F 199 3.89 35.71 -31.87
CA ALA F 199 4.60 35.55 -30.61
C ALA F 199 3.83 34.54 -29.78
N ILE F 200 4.49 33.46 -29.44
CA ILE F 200 3.88 32.40 -28.66
C ILE F 200 4.38 32.43 -27.22
N TYR F 201 3.42 32.42 -26.30
CA TYR F 201 3.69 32.47 -24.88
C TYR F 201 3.51 31.13 -24.17
N ASP F 202 4.56 30.71 -23.49
CA ASP F 202 4.55 29.47 -22.74
C ASP F 202 3.34 29.58 -21.82
N SER F 203 2.60 28.50 -21.64
CA SER F 203 1.44 28.54 -20.77
C SER F 203 1.94 28.17 -19.39
N LYS F 204 3.02 27.39 -19.33
CA LYS F 204 3.61 27.00 -18.05
C LYS F 204 3.93 28.24 -17.19
N ALA F 205 4.26 29.35 -17.84
CA ALA F 205 4.56 30.59 -17.15
C ALA F 205 3.33 31.10 -16.41
N PRO F 206 3.48 31.48 -15.14
CA PRO F 206 2.43 31.97 -14.25
C PRO F 206 1.62 33.17 -14.74
N ASN F 207 2.00 33.75 -15.87
CA ASN F 207 1.28 34.92 -16.36
C ASN F 207 1.05 34.90 -17.86
N ALA F 208 0.95 33.69 -18.40
CA ALA F 208 0.72 33.55 -19.82
C ALA F 208 -0.28 32.41 -19.97
N SER F 209 -0.66 31.84 -18.82
CA SER F 209 -1.59 30.73 -18.81
C SER F 209 -3.01 31.23 -19.07
N ASN F 210 -3.89 30.31 -19.39
CA ASN F 210 -5.25 30.71 -19.66
C ASN F 210 -6.00 30.84 -18.36
N LEU F 211 -6.66 31.99 -18.21
CA LEU F 211 -7.48 32.29 -17.04
C LEU F 211 -8.80 31.51 -17.12
N LYS F 212 -9.26 31.04 -15.98
CA LYS F 212 -10.50 30.28 -15.92
C LYS F 212 -11.10 30.39 -14.51
N ILE F 213 -12.40 30.60 -14.42
CA ILE F 213 -13.06 30.66 -13.11
C ILE F 213 -13.64 29.26 -12.97
N VAL F 214 -13.10 28.50 -12.03
CA VAL F 214 -13.55 27.13 -11.80
C VAL F 214 -14.75 27.03 -10.89
N ARG F 215 -14.73 27.79 -9.80
CA ARG F 215 -15.80 27.73 -8.83
C ARG F 215 -16.03 29.03 -8.09
N MET F 216 -17.28 29.25 -7.70
CA MET F 216 -17.71 30.43 -6.95
C MET F 216 -18.73 29.89 -5.97
N ASP F 217 -18.56 30.14 -4.67
CA ASP F 217 -19.53 29.61 -3.71
C ASP F 217 -20.93 30.18 -3.87
N ARG F 218 -20.98 31.33 -4.52
CA ARG F 218 -22.25 32.00 -4.79
C ARG F 218 -22.09 32.85 -6.04
N THR F 219 -23.15 32.87 -6.85
CA THR F 219 -23.11 33.65 -8.08
C THR F 219 -24.24 34.65 -8.13
N ALA F 220 -24.58 35.22 -6.96
CA ALA F 220 -25.62 36.23 -6.83
C ALA F 220 -25.40 37.03 -5.55
N GLY F 221 -25.65 38.34 -5.66
CA GLY F 221 -25.48 39.23 -4.52
C GLY F 221 -26.39 40.43 -4.62
N CYS F 222 -26.46 41.20 -3.53
CA CYS F 222 -27.31 42.39 -3.48
C CYS F 222 -26.66 43.53 -4.22
N VAL F 223 -27.49 44.33 -4.88
CA VAL F 223 -27.00 45.47 -5.64
C VAL F 223 -26.15 46.40 -4.79
N THR F 224 -26.33 46.33 -3.47
CA THR F 224 -25.56 47.15 -2.57
C THR F 224 -24.12 46.75 -2.71
N GLY F 225 -23.90 45.45 -2.87
CA GLY F 225 -22.54 44.93 -2.98
C GLY F 225 -21.92 44.77 -1.60
N GLY F 226 -20.63 44.44 -1.58
CA GLY F 226 -19.96 44.27 -0.30
C GLY F 226 -20.34 42.96 0.37
N GLU F 227 -20.66 41.97 -0.46
CA GLU F 227 -21.03 40.66 0.01
C GLU F 227 -19.86 39.74 -0.36
N GLU F 228 -19.21 39.14 0.63
CA GLU F 228 -18.04 38.28 0.41
C GLU F 228 -18.36 37.12 -0.53
N ILE F 229 -17.37 36.72 -1.32
CA ILE F 229 -17.51 35.59 -2.24
C ILE F 229 -16.18 34.85 -2.40
N TYR F 230 -16.26 33.54 -2.65
CA TYR F 230 -15.08 32.69 -2.85
C TYR F 230 -15.02 32.24 -4.31
N LEU F 231 -13.90 32.51 -4.96
CA LEU F 231 -13.75 32.15 -6.34
C LEU F 231 -12.53 31.24 -6.46
N LEU F 232 -12.75 29.98 -6.83
CA LEU F 232 -11.66 29.03 -7.01
C LEU F 232 -11.20 29.14 -8.48
N CYS F 233 -9.91 29.35 -8.69
CA CYS F 233 -9.40 29.55 -10.03
C CYS F 233 -8.15 28.75 -10.43
N ASP F 234 -7.71 28.99 -11.67
CA ASP F 234 -6.53 28.36 -12.24
C ASP F 234 -5.40 29.26 -11.81
N LYS F 235 -4.21 28.71 -11.64
CA LYS F 235 -3.07 29.51 -11.23
C LYS F 235 -3.15 30.95 -11.74
N VAL F 236 -3.24 31.90 -10.83
CA VAL F 236 -3.28 33.30 -11.22
C VAL F 236 -2.19 34.03 -10.43
N GLN F 237 -1.55 35.03 -11.04
CA GLN F 237 -0.48 35.75 -10.36
C GLN F 237 -1.02 36.73 -9.32
N LYS F 238 -0.78 36.37 -8.05
CA LYS F 238 -1.24 37.13 -6.90
C LYS F 238 -1.51 38.63 -7.07
N ASP F 239 -0.53 39.38 -7.57
CA ASP F 239 -0.65 40.82 -7.73
C ASP F 239 -0.87 41.29 -9.14
N ASP F 240 -1.59 40.52 -9.95
CA ASP F 240 -1.78 40.89 -11.34
C ASP F 240 -3.10 40.33 -11.84
N ILE F 241 -4.04 40.13 -10.94
CA ILE F 241 -5.31 39.57 -11.32
C ILE F 241 -6.40 40.38 -10.71
N GLN F 242 -7.53 40.43 -11.39
CA GLN F 242 -8.65 41.17 -10.88
C GLN F 242 -9.95 40.56 -11.34
N ILE F 243 -10.99 40.78 -10.55
CA ILE F 243 -12.33 40.26 -10.85
C ILE F 243 -13.12 41.39 -11.48
N ARG F 244 -13.62 41.18 -12.69
CA ARG F 244 -14.39 42.25 -13.34
C ARG F 244 -15.83 41.87 -13.54
N PHE F 245 -16.72 42.78 -13.15
CA PHE F 245 -18.15 42.59 -13.30
C PHE F 245 -18.50 43.58 -14.38
N TYR F 246 -19.23 43.16 -15.40
CA TYR F 246 -19.56 44.10 -16.46
C TYR F 246 -20.96 43.85 -17.01
N GLU F 247 -21.48 44.82 -17.76
CA GLU F 247 -22.80 44.68 -18.37
C GLU F 247 -22.91 45.30 -19.76
N GLU F 248 -23.71 44.65 -20.60
CA GLU F 248 -23.97 45.10 -21.95
C GLU F 248 -25.06 46.15 -21.89
N GLU F 249 -24.68 47.41 -21.67
CA GLU F 249 -25.67 48.48 -21.57
C GLU F 249 -26.09 48.92 -22.99
N GLU F 250 -27.41 48.94 -23.23
CA GLU F 250 -27.97 49.31 -24.54
C GLU F 250 -27.42 50.63 -25.10
N ASN F 251 -27.48 51.67 -24.27
CA ASN F 251 -26.99 52.98 -24.67
C ASN F 251 -25.47 52.90 -24.76
N GLY F 252 -25.00 52.05 -25.67
CA GLY F 252 -23.58 51.87 -25.87
C GLY F 252 -23.14 50.51 -25.36
N GLY F 253 -22.66 50.48 -24.12
CA GLY F 253 -22.22 49.23 -23.56
C GLY F 253 -21.08 49.45 -22.59
N VAL F 254 -21.33 50.27 -21.58
CA VAL F 254 -20.31 50.57 -20.58
C VAL F 254 -20.46 49.75 -19.28
N TRP F 255 -20.42 50.46 -18.15
CA TRP F 255 -20.50 49.89 -16.80
C TRP F 255 -19.75 48.60 -16.53
N GLU F 256 -18.77 48.74 -15.65
CA GLU F 256 -17.95 47.64 -15.25
C GLU F 256 -17.60 47.85 -13.79
N GLY F 257 -17.58 46.76 -13.04
CA GLY F 257 -17.27 46.80 -11.63
C GLY F 257 -16.15 45.83 -11.30
N PHE F 258 -15.51 46.06 -10.17
CA PHE F 258 -14.41 45.20 -9.77
C PHE F 258 -14.57 44.73 -8.35
N GLY F 259 -14.30 43.44 -8.12
CA GLY F 259 -14.41 42.87 -6.80
C GLY F 259 -13.42 43.63 -5.96
N ASP F 260 -13.62 43.64 -4.65
CA ASP F 260 -12.69 44.34 -3.81
C ASP F 260 -11.93 43.33 -2.97
N PHE F 261 -10.67 43.10 -3.33
CA PHE F 261 -9.82 42.19 -2.59
C PHE F 261 -8.38 42.63 -2.70
N SER F 262 -7.51 41.94 -1.98
CA SER F 262 -6.12 42.27 -2.03
C SER F 262 -5.31 41.03 -2.34
N PRO F 263 -4.04 41.22 -2.72
CA PRO F 263 -3.17 40.09 -3.04
C PRO F 263 -3.17 39.16 -1.83
N THR F 264 -3.32 39.78 -0.68
CA THR F 264 -3.36 39.03 0.56
C THR F 264 -4.66 38.22 0.64
N ASP F 265 -5.54 38.35 -0.36
CA ASP F 265 -6.80 37.61 -0.36
C ASP F 265 -6.86 36.55 -1.46
N VAL F 266 -5.74 36.36 -2.15
CA VAL F 266 -5.66 35.35 -3.17
C VAL F 266 -4.97 34.16 -2.52
N HIS F 267 -5.72 33.13 -2.18
CA HIS F 267 -5.14 31.96 -1.55
C HIS F 267 -4.31 31.12 -2.54
N ARG F 268 -3.05 30.91 -2.19
CA ARG F 268 -2.08 30.16 -2.98
C ARG F 268 -2.31 30.00 -4.49
N GLN F 269 -2.42 31.14 -5.16
CA GLN F 269 -2.59 31.24 -6.61
C GLN F 269 -3.73 30.47 -7.22
N PHE F 270 -4.66 29.99 -6.40
CA PHE F 270 -5.77 29.21 -6.93
C PHE F 270 -7.13 29.60 -6.40
N ALA F 271 -7.15 30.52 -5.44
CA ALA F 271 -8.41 30.97 -4.88
C ALA F 271 -8.38 32.46 -4.63
N ILE F 272 -9.54 33.07 -4.68
CA ILE F 272 -9.67 34.48 -4.44
C ILE F 272 -10.91 34.74 -3.63
N VAL F 273 -10.75 35.43 -2.52
CA VAL F 273 -11.86 35.78 -1.65
C VAL F 273 -12.05 37.27 -1.83
N PHE F 274 -13.20 37.68 -2.32
CA PHE F 274 -13.42 39.10 -2.50
C PHE F 274 -14.82 39.57 -2.14
N LYS F 275 -14.98 40.88 -2.11
CA LYS F 275 -16.24 41.53 -1.79
C LYS F 275 -16.84 42.00 -3.12
N THR F 276 -18.17 41.94 -3.25
CA THR F 276 -18.82 42.39 -4.47
C THR F 276 -19.04 43.90 -4.53
N PRO F 277 -18.89 44.48 -5.72
CA PRO F 277 -19.04 45.90 -6.04
C PRO F 277 -20.51 46.32 -6.14
N LYS F 278 -20.79 47.61 -5.94
CA LYS F 278 -22.16 48.11 -6.04
C LYS F 278 -22.55 48.00 -7.50
N TYR F 279 -23.80 47.62 -7.75
CA TYR F 279 -24.27 47.52 -9.14
C TYR F 279 -24.75 48.91 -9.55
N LYS F 280 -24.87 49.16 -10.85
CA LYS F 280 -25.28 50.50 -11.26
C LYS F 280 -26.63 50.93 -10.65
N ASP F 281 -27.73 50.29 -11.04
CA ASP F 281 -29.04 50.69 -10.52
C ASP F 281 -29.46 50.01 -9.22
N VAL F 282 -29.08 50.58 -8.09
CA VAL F 282 -29.46 50.01 -6.80
C VAL F 282 -30.94 50.31 -6.52
N ASN F 283 -31.59 50.92 -7.51
CA ASN F 283 -33.00 51.29 -7.43
C ASN F 283 -33.82 50.22 -8.14
N ILE F 284 -33.15 49.15 -8.54
CA ILE F 284 -33.80 48.08 -9.26
C ILE F 284 -34.83 47.34 -8.40
N THR F 285 -35.91 46.87 -9.02
CA THR F 285 -36.95 46.13 -8.29
C THR F 285 -36.95 44.70 -8.81
N LYS F 286 -36.48 44.51 -10.03
CA LYS F 286 -36.38 43.17 -10.56
C LYS F 286 -34.89 42.94 -10.73
N PRO F 287 -34.39 41.79 -10.25
CA PRO F 287 -32.97 41.50 -10.38
C PRO F 287 -32.45 41.52 -11.82
N ALA F 288 -31.18 41.84 -11.98
CA ALA F 288 -30.56 41.91 -13.29
C ALA F 288 -29.34 41.00 -13.42
N SER F 289 -29.25 40.33 -14.58
CA SER F 289 -28.15 39.40 -14.86
C SER F 289 -26.94 40.12 -15.46
N VAL F 290 -25.84 40.12 -14.72
CA VAL F 290 -24.62 40.75 -15.21
C VAL F 290 -23.53 39.69 -15.27
N PHE F 291 -22.32 40.09 -15.63
CA PHE F 291 -21.25 39.12 -15.75
C PHE F 291 -20.06 39.30 -14.85
N VAL F 292 -19.30 38.22 -14.70
CA VAL F 292 -18.09 38.22 -13.90
C VAL F 292 -17.01 37.71 -14.82
N GLN F 293 -15.79 38.13 -14.59
CA GLN F 293 -14.73 37.71 -15.48
C GLN F 293 -13.38 37.91 -14.82
N LEU F 294 -12.51 36.93 -14.99
CA LEU F 294 -11.16 37.01 -14.44
C LEU F 294 -10.39 37.81 -15.47
N ARG F 295 -9.61 38.80 -15.03
CA ARG F 295 -8.85 39.60 -15.98
C ARG F 295 -7.46 39.88 -15.44
N ARG F 296 -6.46 39.79 -16.31
CA ARG F 296 -5.08 40.02 -15.93
C ARG F 296 -4.73 41.46 -16.10
N LYS F 297 -4.42 42.14 -15.01
CA LYS F 297 -4.10 43.55 -15.09
C LYS F 297 -3.04 43.83 -16.16
N SER F 298 -2.13 42.89 -16.35
CA SER F 298 -1.08 43.03 -17.38
C SER F 298 -1.70 43.18 -18.77
N ASP F 299 -1.60 42.10 -19.52
CA ASP F 299 -2.10 42.00 -20.88
C ASP F 299 -3.61 42.20 -21.00
N LEU F 300 -4.29 42.20 -19.88
CA LEU F 300 -5.74 42.36 -19.87
C LEU F 300 -6.46 41.15 -20.49
N GLU F 301 -5.81 39.98 -20.46
CA GLU F 301 -6.46 38.80 -20.98
C GLU F 301 -7.62 38.51 -20.02
N THR F 302 -8.65 37.82 -20.51
CA THR F 302 -9.81 37.56 -19.68
C THR F 302 -10.35 36.15 -19.84
N SER F 303 -10.96 35.66 -18.76
CA SER F 303 -11.55 34.34 -18.71
C SER F 303 -12.89 34.35 -19.45
N GLU F 304 -13.44 33.15 -19.68
CA GLU F 304 -14.76 33.08 -20.29
C GLU F 304 -15.58 33.72 -19.16
N PRO F 305 -16.49 34.64 -19.49
CA PRO F 305 -17.30 35.27 -18.46
C PRO F 305 -18.34 34.33 -17.87
N LYS F 306 -18.55 34.45 -16.56
CA LYS F 306 -19.52 33.61 -15.85
C LYS F 306 -20.65 34.50 -15.36
N PRO F 307 -21.90 34.04 -15.48
CA PRO F 307 -23.08 34.79 -15.04
C PRO F 307 -23.11 35.14 -13.55
N PHE F 308 -23.77 36.25 -13.21
CA PHE F 308 -23.88 36.71 -11.83
C PHE F 308 -25.20 37.46 -11.77
N LEU F 309 -26.04 37.15 -10.78
CA LEU F 309 -27.33 37.82 -10.67
C LEU F 309 -27.48 38.72 -9.46
N TYR F 310 -27.72 40.00 -9.73
CA TYR F 310 -27.91 40.99 -8.68
C TYR F 310 -29.38 41.13 -8.39
N TYR F 311 -29.73 41.10 -7.11
CA TYR F 311 -31.11 41.27 -6.66
C TYR F 311 -31.14 42.46 -5.70
N PRO F 312 -32.26 43.20 -5.69
CA PRO F 312 -32.44 44.39 -4.85
C PRO F 312 -32.35 44.18 -3.34
N GLU F 313 -32.17 45.30 -2.65
CA GLU F 313 -32.02 45.38 -1.20
C GLU F 313 -33.35 45.34 -0.39
N ALA G 2 -20.94 13.87 35.03
CA ALA G 2 -20.38 13.28 33.78
C ALA G 2 -18.85 13.27 33.79
N TYR G 3 -18.27 12.07 33.92
CA TYR G 3 -16.82 11.90 33.94
C TYR G 3 -16.41 10.43 34.05
N VAL G 4 -15.87 9.90 32.96
CA VAL G 4 -15.42 8.52 32.91
C VAL G 4 -13.89 8.57 32.99
N GLU G 5 -13.23 7.45 32.68
CA GLU G 5 -11.77 7.34 32.70
C GLU G 5 -11.34 5.91 33.02
N ILE G 6 -11.34 5.07 31.99
CA ILE G 6 -10.96 3.67 32.14
C ILE G 6 -9.61 3.52 32.85
N ILE G 7 -9.64 2.87 34.01
CA ILE G 7 -8.46 2.63 34.83
C ILE G 7 -7.87 1.22 34.63
N GLU G 8 -8.63 0.36 33.95
CA GLU G 8 -8.23 -1.00 33.65
C GLU G 8 -8.29 -1.27 32.14
N GLN G 9 -7.35 -0.68 31.38
CA GLN G 9 -7.30 -0.87 29.93
C GLN G 9 -6.99 -2.32 29.62
N PRO G 10 -7.67 -2.91 28.62
CA PRO G 10 -7.43 -4.33 28.27
C PRO G 10 -6.04 -4.51 27.69
N LYS G 11 -5.57 -5.75 27.58
CA LYS G 11 -4.25 -5.97 27.02
C LYS G 11 -4.28 -5.60 25.53
N GLN G 12 -3.47 -4.63 25.12
CA GLN G 12 -3.47 -4.19 23.73
C GLN G 12 -3.40 -5.38 22.75
N ARG G 13 -2.20 -5.88 22.51
CA ARG G 13 -2.02 -7.01 21.63
C ARG G 13 -1.74 -8.24 22.48
N GLY G 14 -2.57 -9.27 22.31
CA GLY G 14 -2.41 -10.49 23.06
C GLY G 14 -3.74 -11.09 23.49
N MET G 15 -4.69 -11.15 22.56
CA MET G 15 -6.02 -11.67 22.84
C MET G 15 -6.76 -12.04 21.55
N ARG G 16 -7.11 -13.30 21.39
CA ARG G 16 -7.82 -13.75 20.19
C ARG G 16 -9.33 -13.58 20.37
N PHE G 17 -10.02 -13.24 19.28
CA PHE G 17 -11.46 -13.04 19.29
C PHE G 17 -12.23 -14.34 19.51
N ARG G 18 -13.22 -14.59 18.65
CA ARG G 18 -14.07 -15.78 18.76
C ARG G 18 -15.07 -15.80 17.59
N TYR G 19 -15.77 -16.91 17.43
CA TYR G 19 -16.76 -17.05 16.34
C TYR G 19 -18.08 -17.59 16.88
N LYS G 20 -19.15 -17.42 16.13
CA LYS G 20 -20.45 -17.91 16.58
C LYS G 20 -20.33 -19.40 16.84
N CYS G 21 -20.19 -20.18 15.77
CA CYS G 21 -20.06 -21.63 15.85
C CYS G 21 -19.09 -22.11 16.91
N GLU G 22 -18.35 -21.18 17.50
CA GLU G 22 -17.34 -21.51 18.53
C GLU G 22 -17.78 -21.42 19.99
N GLY G 23 -16.94 -22.00 20.85
CA GLY G 23 -17.19 -22.04 22.27
C GLY G 23 -17.58 -20.73 22.92
N ARG G 24 -18.87 -20.58 23.16
CA ARG G 24 -19.40 -19.38 23.79
C ARG G 24 -19.11 -19.50 25.30
N SER G 25 -19.69 -18.61 26.09
CA SER G 25 -19.51 -18.59 27.54
C SER G 25 -18.05 -18.43 27.93
N ALA G 26 -17.16 -19.17 27.28
CA ALA G 26 -15.73 -19.09 27.56
C ALA G 26 -15.15 -17.75 27.12
N GLY G 27 -14.04 -17.36 27.74
CA GLY G 27 -13.39 -16.11 27.38
C GLY G 27 -13.57 -14.98 28.37
N SER G 28 -12.92 -13.85 28.09
CA SER G 28 -13.01 -12.67 28.94
C SER G 28 -11.94 -11.67 28.55
N ILE G 29 -12.34 -10.51 28.02
CA ILE G 29 -11.39 -9.48 27.65
C ILE G 29 -10.68 -9.05 28.94
N PRO G 30 -9.46 -9.55 29.14
CA PRO G 30 -8.64 -9.25 30.33
C PRO G 30 -8.16 -7.82 30.57
N GLY G 31 -7.41 -7.65 31.66
CA GLY G 31 -6.90 -6.34 32.06
C GLY G 31 -5.59 -5.88 31.44
N GLU G 32 -4.75 -5.24 32.26
CA GLU G 32 -3.47 -4.71 31.78
C GLU G 32 -2.24 -5.41 32.34
N ARG G 33 -2.12 -5.49 33.67
CA ARG G 33 -0.96 -6.17 34.25
C ARG G 33 -1.34 -7.59 34.59
N SER G 34 -2.12 -8.18 33.71
CA SER G 34 -2.58 -9.55 33.88
C SER G 34 -1.37 -10.48 33.74
N THR G 35 -1.41 -11.57 34.48
CA THR G 35 -0.37 -12.60 34.48
C THR G 35 -1.12 -13.94 34.40
N ASP G 36 -0.85 -14.85 35.34
CA ASP G 36 -1.54 -16.14 35.37
C ASP G 36 -1.84 -16.57 36.81
N THR G 37 -2.04 -15.58 37.67
CA THR G 37 -2.36 -15.79 39.08
C THR G 37 -3.42 -14.77 39.55
N THR G 38 -3.45 -13.62 38.88
CA THR G 38 -4.40 -12.55 39.19
C THR G 38 -4.49 -11.60 38.00
N LYS G 39 -5.40 -11.90 37.09
CA LYS G 39 -5.61 -11.14 35.86
C LYS G 39 -6.00 -9.67 36.00
N THR G 40 -7.11 -9.43 36.70
CA THR G 40 -7.67 -8.08 36.89
C THR G 40 -8.59 -7.80 35.73
N HIS G 41 -9.89 -7.76 36.00
CA HIS G 41 -10.88 -7.50 34.96
C HIS G 41 -11.04 -6.01 34.72
N PRO G 42 -11.41 -5.61 33.50
CA PRO G 42 -11.59 -4.19 33.17
C PRO G 42 -12.61 -3.52 34.11
N THR G 43 -12.20 -2.39 34.69
CA THR G 43 -13.09 -1.65 35.57
C THR G 43 -13.03 -0.19 35.11
N ILE G 44 -14.19 0.46 35.11
CA ILE G 44 -14.26 1.84 34.70
C ILE G 44 -14.26 2.72 35.95
N LYS G 45 -13.55 3.85 35.90
CA LYS G 45 -13.48 4.77 37.04
C LYS G 45 -14.29 6.03 36.81
N ILE G 46 -15.23 6.31 37.69
CA ILE G 46 -16.05 7.51 37.54
C ILE G 46 -15.88 8.34 38.82
N ASN G 47 -14.98 9.33 38.77
CA ASN G 47 -14.73 10.20 39.92
C ASN G 47 -15.98 10.96 40.35
N GLY G 48 -16.14 11.18 41.65
CA GLY G 48 -17.29 11.92 42.16
C GLY G 48 -18.62 11.19 42.22
N TYR G 49 -19.37 11.20 41.10
CA TYR G 49 -20.67 10.54 41.03
C TYR G 49 -20.67 9.08 41.46
N THR G 50 -21.46 8.83 42.49
CA THR G 50 -21.65 7.49 43.05
C THR G 50 -23.16 7.26 43.19
N GLY G 51 -23.63 6.15 42.65
CA GLY G 51 -25.05 5.84 42.72
C GLY G 51 -25.47 4.88 41.62
N PRO G 52 -26.76 4.51 41.56
CA PRO G 52 -27.31 3.59 40.55
C PRO G 52 -27.22 4.15 39.14
N GLY G 53 -27.48 3.31 38.15
CA GLY G 53 -27.43 3.77 36.77
C GLY G 53 -27.61 2.74 35.67
N THR G 54 -26.65 2.71 34.75
CA THR G 54 -26.66 1.80 33.61
C THR G 54 -25.31 1.86 32.90
N VAL G 55 -24.73 0.71 32.58
CA VAL G 55 -23.43 0.66 31.91
C VAL G 55 -23.42 -0.11 30.58
N ARG G 56 -23.93 0.52 29.52
CA ARG G 56 -23.99 -0.08 28.18
C ARG G 56 -22.58 -0.14 27.58
N ILE G 57 -22.22 -1.26 26.96
CA ILE G 57 -20.89 -1.43 26.35
C ILE G 57 -20.92 -1.95 24.92
N SER G 58 -20.66 -1.06 23.96
CA SER G 58 -20.69 -1.41 22.54
C SER G 58 -19.33 -1.56 21.88
N LEU G 59 -19.33 -2.14 20.68
CA LEU G 59 -18.11 -2.36 19.90
C LEU G 59 -17.97 -1.27 18.85
N VAL G 60 -16.85 -0.55 18.89
CA VAL G 60 -16.60 0.52 17.93
C VAL G 60 -15.39 0.21 17.04
N THR G 61 -14.75 1.26 16.55
CA THR G 61 -13.59 1.11 15.67
C THR G 61 -12.37 1.82 16.26
N LYS G 62 -11.22 1.64 15.62
CA LYS G 62 -9.97 2.25 16.08
C LYS G 62 -9.79 3.69 15.60
N ASP G 63 -10.20 3.94 14.36
CA ASP G 63 -10.06 5.26 13.75
C ASP G 63 -11.25 6.20 13.99
N PRO G 64 -10.96 7.47 14.38
CA PRO G 64 -11.82 8.62 14.69
C PRO G 64 -13.29 8.57 14.35
N PRO G 65 -13.66 8.28 13.10
CA PRO G 65 -15.10 8.25 12.84
C PRO G 65 -15.57 6.93 13.46
N HIS G 66 -15.32 6.80 14.76
CA HIS G 66 -15.63 5.64 15.62
C HIS G 66 -16.97 4.94 15.48
N ARG G 67 -17.28 4.47 14.27
CA ARG G 67 -18.53 3.78 14.01
C ARG G 67 -18.65 2.48 14.81
N PRO G 68 -19.87 1.99 15.00
CA PRO G 68 -20.14 0.75 15.73
C PRO G 68 -19.63 -0.50 15.02
N HIS G 69 -18.67 -1.19 15.62
CA HIS G 69 -18.08 -2.40 15.07
C HIS G 69 -19.12 -3.50 14.96
N PRO G 70 -19.21 -4.15 13.78
CA PRO G 70 -20.18 -5.23 13.54
C PRO G 70 -19.95 -6.51 14.33
N HIS G 71 -18.96 -6.50 15.22
CA HIS G 71 -18.68 -7.67 16.06
C HIS G 71 -19.52 -7.61 17.31
N GLU G 72 -20.11 -8.73 17.72
CA GLU G 72 -20.94 -8.73 18.92
C GLU G 72 -20.15 -9.09 20.16
N LEU G 73 -20.30 -8.26 21.18
CA LEU G 73 -19.65 -8.49 22.46
C LEU G 73 -20.59 -9.52 23.11
N VAL G 74 -20.56 -10.74 22.57
CA VAL G 74 -21.40 -11.86 23.01
C VAL G 74 -21.00 -12.53 24.33
N GLY G 75 -21.59 -12.08 25.44
CA GLY G 75 -21.25 -12.67 26.72
C GLY G 75 -22.34 -12.46 27.77
N LYS G 76 -21.93 -12.37 29.03
CA LYS G 76 -22.86 -12.16 30.13
C LYS G 76 -23.58 -10.84 29.98
N ASP G 77 -24.85 -10.81 30.36
CA ASP G 77 -25.66 -9.60 30.25
C ASP G 77 -25.37 -8.94 28.90
N CYS G 78 -24.93 -9.73 27.94
CA CYS G 78 -24.61 -9.19 26.61
C CYS G 78 -25.61 -9.63 25.54
N ARG G 79 -26.64 -8.79 25.32
CA ARG G 79 -27.67 -9.08 24.34
C ARG G 79 -27.78 -8.00 23.29
N ASP G 80 -27.85 -8.43 22.04
CA ASP G 80 -27.93 -7.54 20.88
C ASP G 80 -26.55 -7.00 20.49
N GLY G 81 -25.51 -7.70 20.96
CA GLY G 81 -24.14 -7.34 20.62
C GLY G 81 -23.32 -6.57 21.63
N TYR G 82 -23.95 -5.66 22.37
CA TYR G 82 -23.25 -4.84 23.35
C TYR G 82 -23.44 -5.42 24.74
N TYR G 83 -23.30 -4.56 25.74
CA TYR G 83 -23.48 -4.94 27.13
C TYR G 83 -24.29 -3.86 27.81
N GLU G 84 -25.11 -4.23 28.78
CA GLU G 84 -25.92 -3.25 29.48
C GLU G 84 -26.37 -3.78 30.84
N ALA G 85 -25.79 -3.23 31.91
CA ALA G 85 -26.13 -3.67 33.26
C ALA G 85 -25.92 -2.55 34.27
N ASP G 86 -26.91 -2.35 35.13
CA ASP G 86 -26.83 -1.30 36.15
C ASP G 86 -25.53 -1.41 36.94
N LEU G 87 -24.82 -0.28 37.08
CA LEU G 87 -23.56 -0.25 37.81
C LEU G 87 -23.74 -0.19 39.32
N CYS G 88 -22.78 -0.73 40.07
CA CYS G 88 -22.83 -0.73 41.54
C CYS G 88 -23.56 0.49 42.08
N PRO G 89 -24.77 0.30 42.61
CA PRO G 89 -25.57 1.39 43.17
C PRO G 89 -24.91 2.07 44.36
N ASP G 90 -23.96 1.37 44.99
CA ASP G 90 -23.26 1.92 46.15
C ASP G 90 -21.83 2.38 45.84
N ARG G 91 -21.11 1.61 45.03
CA ARG G 91 -19.73 1.94 44.66
C ARG G 91 -19.64 2.67 43.31
N SER G 92 -18.50 3.34 43.10
CA SER G 92 -18.26 4.08 41.86
C SER G 92 -17.53 3.17 40.87
N ILE G 93 -16.25 2.93 41.12
CA ILE G 93 -15.44 2.06 40.25
C ILE G 93 -16.03 0.65 40.10
N HIS G 94 -16.72 0.42 38.99
CA HIS G 94 -17.37 -0.86 38.68
C HIS G 94 -16.64 -1.69 37.61
N SER G 95 -16.08 -2.84 38.03
CA SER G 95 -15.32 -3.75 37.15
C SER G 95 -16.17 -4.71 36.33
N PHE G 96 -15.63 -5.18 35.21
CA PHE G 96 -16.36 -6.09 34.31
C PHE G 96 -15.62 -7.41 34.01
N GLN G 97 -16.24 -8.53 34.39
CA GLN G 97 -15.63 -9.84 34.20
C GLN G 97 -16.56 -10.77 33.44
N ASN G 98 -16.07 -11.27 32.30
CA ASN G 98 -16.80 -12.19 31.42
C ASN G 98 -17.42 -11.37 30.29
N LEU G 99 -16.56 -10.81 29.45
CA LEU G 99 -17.02 -10.02 28.32
C LEU G 99 -17.11 -10.91 27.09
N GLY G 100 -16.05 -10.88 26.29
CA GLY G 100 -16.04 -11.70 25.09
C GLY G 100 -16.16 -10.85 23.84
N ILE G 101 -15.86 -11.46 22.70
CA ILE G 101 -15.94 -10.78 21.44
C ILE G 101 -16.27 -11.80 20.38
N GLN G 102 -17.03 -11.38 19.40
CA GLN G 102 -17.47 -12.29 18.34
C GLN G 102 -17.13 -11.76 16.96
N CYS G 103 -16.30 -12.48 16.22
CA CYS G 103 -15.93 -12.12 14.85
C CYS G 103 -17.09 -12.52 13.95
N VAL G 104 -17.47 -11.64 13.03
CA VAL G 104 -18.55 -11.97 12.11
C VAL G 104 -17.90 -12.52 10.87
N LYS G 105 -18.68 -13.10 9.97
CA LYS G 105 -18.11 -13.62 8.73
C LYS G 105 -18.10 -12.42 7.79
N LYS G 106 -17.49 -12.58 6.62
CA LYS G 106 -17.48 -11.50 5.64
C LYS G 106 -18.87 -11.45 5.01
N ARG G 107 -19.52 -12.61 4.95
CA ARG G 107 -20.87 -12.68 4.40
C ARG G 107 -21.76 -12.00 5.42
N ASP G 108 -21.56 -12.38 6.67
CA ASP G 108 -22.32 -11.87 7.82
C ASP G 108 -21.80 -10.51 8.27
N LEU G 109 -21.33 -9.73 7.31
CA LEU G 109 -20.82 -8.40 7.57
C LEU G 109 -21.93 -7.38 7.45
N GLU G 110 -22.52 -7.27 6.26
CA GLU G 110 -23.60 -6.33 6.01
C GLU G 110 -24.83 -6.53 6.89
N GLN G 111 -25.03 -7.76 7.38
CA GLN G 111 -26.16 -8.03 8.27
C GLN G 111 -25.71 -7.59 9.66
N ALA G 112 -24.54 -8.10 10.07
CA ALA G 112 -23.99 -7.75 11.36
C ALA G 112 -24.14 -6.25 11.63
N ILE G 113 -23.75 -5.45 10.64
CA ILE G 113 -23.84 -3.99 10.80
C ILE G 113 -25.28 -3.51 10.67
N SER G 114 -26.02 -4.12 9.75
CA SER G 114 -27.42 -3.74 9.56
C SER G 114 -28.10 -3.90 10.90
N GLN G 115 -27.55 -4.78 11.72
CA GLN G 115 -28.08 -5.05 13.04
C GLN G 115 -27.85 -3.85 13.95
N ARG G 116 -26.70 -3.19 13.83
CA ARG G 116 -26.44 -2.00 14.64
C ARG G 116 -27.67 -1.13 14.44
N ILE G 117 -28.05 -1.01 13.17
CA ILE G 117 -29.18 -0.20 12.70
C ILE G 117 -30.54 -0.60 13.31
N GLN G 118 -31.06 -1.75 12.88
CA GLN G 118 -32.35 -2.24 13.37
C GLN G 118 -32.34 -2.55 14.86
N THR G 119 -31.45 -1.91 15.61
CA THR G 119 -31.38 -2.16 17.05
C THR G 119 -30.89 -0.95 17.82
N ASN G 120 -30.92 0.21 17.16
CA ASN G 120 -30.51 1.47 17.80
C ASN G 120 -29.19 1.35 18.55
N ASN G 121 -28.10 1.17 17.80
CA ASN G 121 -26.77 1.03 18.39
C ASN G 121 -25.76 1.89 17.66
N ASN G 122 -25.20 2.87 18.35
CA ASN G 122 -24.22 3.79 17.78
C ASN G 122 -23.94 4.96 18.76
N PRO G 123 -23.22 4.67 19.86
CA PRO G 123 -22.81 5.54 20.97
C PRO G 123 -22.13 6.84 20.62
N PHE G 124 -21.75 6.98 19.36
CA PHE G 124 -21.09 8.19 18.87
C PHE G 124 -21.92 8.84 17.77
N HIS G 125 -22.96 8.12 17.37
CA HIS G 125 -23.86 8.58 16.33
C HIS G 125 -23.11 9.06 15.09
N VAL G 126 -23.03 8.15 14.14
CA VAL G 126 -22.37 8.39 12.88
C VAL G 126 -23.40 8.12 11.79
N PRO G 127 -23.49 9.03 10.82
CA PRO G 127 -24.44 8.89 9.74
C PRO G 127 -24.53 7.50 9.19
N ILE G 128 -25.76 6.99 9.15
CA ILE G 128 -26.08 5.67 8.61
C ILE G 128 -25.32 5.51 7.29
N GLU G 129 -24.97 6.65 6.68
CA GLU G 129 -24.24 6.68 5.42
C GLU G 129 -22.74 6.65 5.65
N GLU G 130 -22.32 7.03 6.85
CA GLU G 130 -20.91 7.02 7.25
C GLU G 130 -20.73 5.74 8.08
N GLN G 131 -21.47 4.69 7.72
CA GLN G 131 -21.41 3.41 8.42
C GLN G 131 -21.51 2.24 7.48
N ARG G 132 -20.73 2.31 6.40
CA ARG G 132 -20.70 1.25 5.42
C ARG G 132 -19.38 1.31 4.65
N GLY G 133 -18.97 0.19 4.09
CA GLY G 133 -17.72 0.13 3.36
C GLY G 133 -16.90 -1.05 3.83
N ASP G 134 -15.84 -0.77 4.58
CA ASP G 134 -14.96 -1.81 5.11
C ASP G 134 -14.66 -1.54 6.57
N TYR G 135 -14.35 -2.61 7.30
CA TYR G 135 -14.03 -2.50 8.72
C TYR G 135 -12.80 -3.28 9.16
N ASP G 136 -11.94 -2.62 9.93
CA ASP G 136 -10.74 -3.19 10.49
C ASP G 136 -11.34 -4.18 11.47
N LEU G 137 -11.40 -5.45 11.09
CA LEU G 137 -11.98 -6.49 11.93
C LEU G 137 -11.03 -7.09 12.96
N ASN G 138 -9.79 -6.60 12.99
CA ASN G 138 -8.80 -7.14 13.89
C ASN G 138 -8.42 -6.22 15.05
N ALA G 139 -9.07 -5.07 15.13
CA ALA G 139 -8.78 -4.10 16.19
C ALA G 139 -10.05 -3.34 16.55
N VAL G 140 -10.32 -3.14 17.84
CA VAL G 140 -11.54 -2.43 18.24
C VAL G 140 -11.61 -1.94 19.67
N ARG G 141 -11.65 -0.63 19.83
CA ARG G 141 -11.74 0.02 21.14
C ARG G 141 -13.09 -0.36 21.75
N LEU G 142 -13.22 -0.21 23.06
CA LEU G 142 -14.49 -0.53 23.74
C LEU G 142 -15.25 0.71 24.10
N CYS G 143 -16.54 0.74 23.78
CA CYS G 143 -17.36 1.91 24.07
C CYS G 143 -18.08 1.91 25.40
N PHE G 144 -17.91 3.00 26.14
CA PHE G 144 -18.50 3.16 27.45
C PHE G 144 -19.62 4.20 27.48
N GLN G 145 -20.66 4.00 26.66
CA GLN G 145 -21.79 4.91 26.67
C GLN G 145 -22.65 4.53 27.89
N VAL G 146 -22.38 5.18 29.02
CA VAL G 146 -23.09 4.92 30.26
C VAL G 146 -24.05 6.04 30.74
N THR G 147 -25.02 5.67 31.56
CA THR G 147 -26.02 6.58 32.12
C THR G 147 -25.85 6.65 33.64
N VAL G 148 -26.35 7.75 34.24
CA VAL G 148 -26.28 7.95 35.68
C VAL G 148 -27.49 8.72 36.17
N ARG G 149 -27.25 9.86 36.80
CA ARG G 149 -28.32 10.71 37.32
C ARG G 149 -27.83 12.14 37.60
N ASP G 150 -28.67 13.11 37.28
CA ASP G 150 -28.34 14.52 37.51
C ASP G 150 -28.30 14.82 39.01
N PRO G 151 -28.04 16.08 39.39
CA PRO G 151 -27.99 16.43 40.81
C PRO G 151 -29.36 16.32 41.49
N ALA G 152 -30.29 15.63 40.81
CA ALA G 152 -31.65 15.44 41.33
C ALA G 152 -32.15 14.00 41.18
N GLY G 153 -32.82 13.70 40.06
CA GLY G 153 -33.32 12.35 39.89
C GLY G 153 -33.43 11.89 38.45
N ARG G 154 -32.98 12.73 37.52
CA ARG G 154 -33.04 12.43 36.09
C ARG G 154 -31.82 11.67 35.55
N PRO G 155 -32.05 10.76 34.60
CA PRO G 155 -30.96 9.96 33.99
C PRO G 155 -30.01 10.85 33.24
N LEU G 156 -28.71 10.56 33.36
CA LEU G 156 -27.71 11.36 32.67
C LEU G 156 -26.86 10.53 31.70
N LEU G 157 -26.99 10.88 30.43
CA LEU G 157 -26.29 10.25 29.30
C LEU G 157 -24.86 10.78 29.25
N LEU G 158 -23.94 10.06 29.88
CA LEU G 158 -22.54 10.47 29.94
C LEU G 158 -21.77 10.25 28.64
N THR G 159 -20.53 10.74 28.61
CA THR G 159 -19.67 10.61 27.43
C THR G 159 -19.33 9.16 27.08
N PRO G 160 -19.33 8.83 25.77
CA PRO G 160 -19.01 7.48 25.29
C PRO G 160 -17.50 7.26 25.19
N VAL G 161 -16.83 7.13 26.32
CA VAL G 161 -15.37 6.93 26.36
C VAL G 161 -14.92 5.64 25.66
N LEU G 162 -13.74 5.71 25.06
CA LEU G 162 -13.14 4.59 24.31
C LEU G 162 -11.97 3.93 25.06
N SER G 163 -11.88 2.62 24.94
CA SER G 163 -10.79 1.88 25.59
C SER G 163 -9.62 1.79 24.62
N HIS G 164 -8.42 1.59 25.15
CA HIS G 164 -7.23 1.47 24.31
C HIS G 164 -7.50 0.44 23.25
N PRO G 165 -6.71 0.50 22.18
CA PRO G 165 -6.92 -0.45 21.09
C PRO G 165 -6.86 -1.91 21.55
N ILE G 166 -7.79 -2.72 21.04
CA ILE G 166 -7.85 -4.12 21.38
C ILE G 166 -7.60 -4.85 20.08
N PHE G 167 -6.49 -5.59 20.04
CA PHE G 167 -6.13 -6.32 18.83
C PHE G 167 -6.29 -7.81 18.93
N ASP G 168 -7.00 -8.36 17.96
CA ASP G 168 -7.24 -9.79 17.86
C ASP G 168 -5.92 -10.52 17.57
N ASN G 169 -5.60 -11.56 18.34
CA ASN G 169 -4.37 -12.29 18.05
C ASN G 169 -4.61 -13.23 16.90
N ARG G 170 -5.81 -13.80 16.84
CA ARG G 170 -6.12 -14.71 15.76
C ARG G 170 -5.77 -14.00 14.48
N ALA G 171 -5.63 -12.69 14.58
CA ALA G 171 -5.24 -11.84 13.45
C ALA G 171 -3.71 -11.75 13.45
N PRO G 172 -3.06 -12.36 12.44
CA PRO G 172 -1.61 -12.36 12.30
C PRO G 172 -0.97 -10.98 12.19
N ASN G 173 -1.64 -10.08 11.49
CA ASN G 173 -1.16 -8.71 11.29
C ASN G 173 -0.96 -8.03 12.63
N THR G 174 -1.61 -8.55 13.66
CA THR G 174 -1.49 -7.92 14.98
C THR G 174 -1.46 -8.89 16.12
N ALA G 175 -1.30 -10.17 15.85
CA ALA G 175 -1.22 -11.15 16.93
C ALA G 175 0.02 -10.73 17.70
N GLU G 176 0.13 -11.13 18.96
CA GLU G 176 1.30 -10.77 19.74
C GLU G 176 2.54 -11.44 19.17
N LEU G 177 3.66 -10.75 19.25
CA LEU G 177 4.92 -11.28 18.74
C LEU G 177 5.46 -12.16 19.85
N LYS G 178 5.79 -13.41 19.53
CA LYS G 178 6.36 -14.30 20.54
C LYS G 178 7.52 -15.13 20.04
N ILE G 179 8.54 -15.24 20.88
CA ILE G 179 9.72 -16.01 20.55
C ILE G 179 9.65 -17.24 21.43
N CYS G 180 9.16 -18.33 20.87
CA CYS G 180 9.00 -19.56 21.64
C CYS G 180 10.28 -20.31 22.01
N ARG G 181 11.30 -20.27 21.16
CA ARG G 181 12.53 -20.99 21.46
C ARG G 181 13.51 -20.91 20.29
N VAL G 182 14.81 -20.87 20.59
CA VAL G 182 15.83 -20.81 19.57
C VAL G 182 16.93 -21.82 19.91
N ASN G 183 17.65 -22.29 18.91
CA ASN G 183 18.72 -23.26 19.13
C ASN G 183 19.95 -22.60 19.71
N ARG G 184 20.62 -21.79 18.92
CA ARG G 184 21.80 -21.10 19.42
C ARG G 184 21.36 -20.03 20.44
N ASN G 185 22.26 -19.64 21.32
CA ASN G 185 21.95 -18.65 22.36
C ASN G 185 23.12 -17.66 22.43
N SER G 186 24.18 -17.98 21.70
CA SER G 186 25.38 -17.15 21.70
C SER G 186 26.05 -17.08 20.33
N GLY G 187 27.11 -16.28 20.22
CA GLY G 187 27.79 -16.17 18.95
C GLY G 187 28.99 -15.24 19.00
N SER G 188 29.75 -15.23 17.92
CA SER G 188 30.95 -14.39 17.80
C SER G 188 30.62 -12.96 17.39
N CYS G 189 31.35 -12.01 17.98
CA CYS G 189 31.15 -10.60 17.67
C CYS G 189 31.25 -10.35 16.17
N LEU G 190 31.88 -11.26 15.47
CA LEU G 190 32.02 -11.14 14.02
C LEU G 190 30.69 -11.33 13.31
N GLY G 191 29.75 -11.97 14.00
CA GLY G 191 28.42 -12.21 13.47
C GLY G 191 28.37 -13.19 12.31
N GLY G 192 27.22 -13.85 12.14
CA GLY G 192 27.08 -14.78 11.05
C GLY G 192 26.70 -16.17 11.49
N ASP G 193 26.49 -16.32 12.79
CA ASP G 193 26.10 -17.61 13.31
C ASP G 193 24.64 -17.89 12.96
N GLU G 194 24.41 -18.83 12.05
CA GLU G 194 23.05 -19.19 11.69
C GLU G 194 22.24 -19.61 12.92
N ILE G 195 21.00 -19.13 12.99
CA ILE G 195 20.13 -19.44 14.11
C ILE G 195 18.77 -19.92 13.64
N PHE G 196 18.17 -20.83 14.41
CA PHE G 196 16.85 -21.32 14.13
C PHE G 196 16.01 -20.71 15.23
N LEU G 197 15.02 -19.91 14.85
CA LEU G 197 14.16 -19.29 15.82
C LEU G 197 12.76 -19.79 15.58
N LEU G 198 12.22 -20.51 16.56
CA LEU G 198 10.86 -21.01 16.45
C LEU G 198 10.04 -19.92 17.07
N CYS G 199 8.97 -19.52 16.39
CA CYS G 199 8.14 -18.45 16.91
C CYS G 199 6.68 -18.62 16.53
N ASP G 200 5.86 -17.75 17.12
CA ASP G 200 4.43 -17.73 16.87
C ASP G 200 4.15 -17.28 15.46
N LYS G 201 2.96 -17.61 14.95
CA LYS G 201 2.56 -17.21 13.61
C LYS G 201 3.10 -15.82 13.35
N VAL G 202 3.74 -15.65 12.19
CA VAL G 202 4.32 -14.37 11.78
C VAL G 202 4.14 -14.21 10.29
N GLN G 203 4.11 -12.97 9.80
CA GLN G 203 3.94 -12.76 8.35
C GLN G 203 5.31 -12.41 7.75
N LYS G 204 5.86 -13.35 6.99
CA LYS G 204 7.16 -13.19 6.35
C LYS G 204 7.37 -11.85 5.69
N GLU G 205 6.38 -11.39 4.93
CA GLU G 205 6.53 -10.10 4.27
C GLU G 205 6.72 -8.99 5.29
N ASP G 206 6.24 -9.21 6.53
CA ASP G 206 6.27 -8.21 7.59
C ASP G 206 6.80 -8.72 8.94
N ILE G 207 8.10 -8.96 9.06
CA ILE G 207 8.68 -9.43 10.31
C ILE G 207 10.17 -9.24 10.28
N GLU G 208 10.74 -8.93 11.44
CA GLU G 208 12.19 -8.74 11.60
C GLU G 208 12.71 -9.32 12.92
N VAL G 209 14.01 -9.61 12.96
CA VAL G 209 14.65 -10.12 14.18
C VAL G 209 15.55 -8.98 14.65
N TYR G 210 15.11 -8.29 15.68
CA TYR G 210 15.81 -7.11 16.19
C TYR G 210 16.76 -7.33 17.37
N PHE G 211 18.01 -6.93 17.17
CA PHE G 211 19.04 -7.04 18.18
C PHE G 211 19.29 -5.68 18.80
N THR G 212 18.88 -5.49 20.04
CA THR G 212 19.06 -4.22 20.75
C THR G 212 20.46 -4.07 21.36
N GLY G 213 20.51 -3.69 22.63
CA GLY G 213 21.79 -3.52 23.29
C GLY G 213 22.34 -2.10 23.23
N PRO G 214 22.65 -1.51 24.38
CA PRO G 214 23.19 -0.15 24.55
C PRO G 214 24.17 0.31 23.49
N GLY G 215 23.78 1.34 22.75
CA GLY G 215 24.64 1.87 21.72
C GLY G 215 24.79 1.01 20.48
N TRP G 216 24.07 -0.11 20.43
CA TRP G 216 24.14 -0.97 19.28
C TRP G 216 22.75 -1.34 18.80
N GLU G 217 22.59 -1.31 17.48
CA GLU G 217 21.31 -1.66 16.85
C GLU G 217 21.55 -2.36 15.53
N ALA G 218 20.95 -3.53 15.37
CA ALA G 218 21.10 -4.28 14.13
C ALA G 218 20.07 -5.37 14.04
N ARG G 219 19.88 -5.89 12.83
CA ARG G 219 18.92 -6.96 12.59
C ARG G 219 19.61 -8.14 11.92
N GLY G 220 19.15 -9.33 12.27
CA GLY G 220 19.71 -10.55 11.69
C GLY G 220 19.31 -10.55 10.24
N SER G 221 20.12 -11.19 9.43
CA SER G 221 19.90 -11.28 8.00
C SER G 221 19.21 -12.58 7.60
N PHE G 222 18.11 -12.47 6.85
CA PHE G 222 17.38 -13.65 6.39
C PHE G 222 16.43 -13.23 5.29
N SER G 223 16.28 -14.10 4.31
CA SER G 223 15.43 -13.86 3.17
C SER G 223 14.07 -14.36 3.52
N GLN G 224 13.05 -13.84 2.86
CA GLN G 224 11.70 -14.28 3.18
C GLN G 224 11.60 -15.79 3.02
N ALA G 225 12.31 -16.35 2.06
CA ALA G 225 12.25 -17.79 1.86
C ALA G 225 12.92 -18.57 3.01
N ASP G 226 13.27 -17.86 4.08
CA ASP G 226 13.89 -18.50 5.24
C ASP G 226 12.83 -18.53 6.34
N VAL G 227 11.61 -18.11 6.01
CA VAL G 227 10.55 -18.15 7.00
C VAL G 227 9.67 -19.35 6.70
N HIS G 228 9.76 -20.38 7.54
CA HIS G 228 9.01 -21.62 7.37
C HIS G 228 7.60 -21.62 7.96
N ARG G 229 6.61 -21.84 7.08
CA ARG G 229 5.21 -21.85 7.43
C ARG G 229 4.92 -20.88 8.56
N GLN G 230 5.50 -19.70 8.39
CA GLN G 230 5.36 -18.58 9.33
C GLN G 230 5.45 -18.88 10.83
N VAL G 231 6.20 -19.91 11.19
CA VAL G 231 6.37 -20.25 12.59
C VAL G 231 7.81 -20.64 12.91
N ALA G 232 8.70 -20.17 12.05
CA ALA G 232 10.12 -20.46 12.21
C ALA G 232 10.94 -19.60 11.26
N ILE G 233 12.03 -19.07 11.77
CA ILE G 233 12.89 -18.25 10.94
C ILE G 233 14.31 -18.76 11.09
N VAL G 234 15.08 -18.68 10.01
CA VAL G 234 16.44 -19.14 10.00
C VAL G 234 17.28 -17.97 9.56
N PHE G 235 17.70 -17.15 10.52
CA PHE G 235 18.48 -15.97 10.18
C PHE G 235 19.94 -16.12 10.59
N ARG G 236 20.78 -15.20 10.12
CA ARG G 236 22.20 -15.16 10.43
C ARG G 236 22.43 -14.02 11.41
N THR G 237 23.14 -14.31 12.48
CA THR G 237 23.44 -13.34 13.52
C THR G 237 24.21 -12.15 12.95
N PRO G 238 23.83 -10.91 13.34
CA PRO G 238 24.46 -9.67 12.90
C PRO G 238 25.75 -9.29 13.64
N PRO G 239 26.76 -8.77 12.91
CA PRO G 239 28.04 -8.38 13.48
C PRO G 239 27.92 -7.37 14.61
N TYR G 240 28.49 -7.71 15.75
CA TYR G 240 28.44 -6.82 16.90
C TYR G 240 29.33 -5.61 16.63
N ALA G 241 29.10 -4.53 17.38
CA ALA G 241 29.87 -3.29 17.22
C ALA G 241 31.38 -3.44 17.37
N ASP G 242 31.79 -4.35 18.26
CA ASP G 242 33.19 -4.61 18.60
C ASP G 242 33.80 -5.83 17.87
N PRO G 243 34.48 -5.63 16.73
CA PRO G 243 35.09 -6.74 16.00
C PRO G 243 36.22 -7.48 16.73
N SER G 244 36.47 -7.07 17.97
CA SER G 244 37.51 -7.70 18.79
C SER G 244 37.09 -7.62 20.24
N LEU G 245 35.92 -8.18 20.53
CA LEU G 245 35.37 -8.23 21.87
C LEU G 245 36.33 -9.03 22.75
N GLN G 246 36.08 -9.06 24.07
CA GLN G 246 36.94 -9.77 25.00
C GLN G 246 36.21 -10.43 26.19
N ALA G 247 34.89 -10.48 26.13
CA ALA G 247 34.10 -11.08 27.20
C ALA G 247 32.62 -11.09 26.86
N PRO G 248 31.85 -11.93 27.55
CA PRO G 248 30.41 -12.02 27.28
C PRO G 248 29.69 -10.68 27.43
N VAL G 249 29.03 -10.26 26.35
CA VAL G 249 28.26 -9.02 26.33
C VAL G 249 26.82 -9.38 26.01
N ARG G 250 26.14 -9.99 26.98
CA ARG G 250 24.76 -10.40 26.80
C ARG G 250 23.86 -9.26 26.32
N VAL G 251 23.51 -9.29 25.04
CA VAL G 251 22.63 -8.29 24.45
C VAL G 251 21.22 -8.85 24.36
N SER G 252 20.33 -8.17 23.65
CA SER G 252 18.96 -8.65 23.56
C SER G 252 18.45 -8.86 22.15
N MET G 253 17.71 -9.94 21.99
CA MET G 253 17.16 -10.34 20.72
C MET G 253 15.64 -10.40 20.75
N GLN G 254 15.00 -9.76 19.80
CA GLN G 254 13.56 -9.76 19.77
C GLN G 254 12.99 -9.64 18.36
N LEU G 255 11.84 -10.25 18.18
CA LEU G 255 11.15 -10.21 16.91
C LEU G 255 10.51 -8.85 16.78
N ARG G 256 10.61 -8.22 15.60
CA ARG G 256 9.99 -6.92 15.38
C ARG G 256 9.13 -6.93 14.11
N ARG G 257 8.05 -6.19 14.15
CA ARG G 257 7.11 -6.10 13.04
C ARG G 257 7.07 -4.69 12.48
N PRO G 258 7.71 -4.47 11.32
CA PRO G 258 7.78 -3.17 10.63
C PRO G 258 6.50 -2.37 10.71
N SER G 259 5.48 -2.85 10.01
CA SER G 259 4.16 -2.23 9.97
C SER G 259 3.76 -1.70 11.35
N ASP G 260 3.27 -2.62 12.19
CA ASP G 260 2.84 -2.30 13.55
C ASP G 260 3.89 -1.56 14.36
N ARG G 261 5.15 -1.78 14.00
CA ARG G 261 6.27 -1.17 14.71
C ARG G 261 6.30 -1.81 16.11
N GLU G 262 5.80 -3.05 16.16
CA GLU G 262 5.71 -3.85 17.38
C GLU G 262 6.96 -4.68 17.64
N LEU G 263 7.33 -4.83 18.91
CA LEU G 263 8.51 -5.59 19.28
C LEU G 263 8.21 -6.72 20.25
N SER G 264 8.59 -7.93 19.88
CA SER G 264 8.38 -9.11 20.73
C SER G 264 9.13 -8.94 22.03
N GLU G 265 8.80 -9.80 22.99
CA GLU G 265 9.45 -9.77 24.28
C GLU G 265 10.95 -9.90 24.03
N PRO G 266 11.78 -9.61 25.03
CA PRO G 266 13.21 -9.73 24.80
C PRO G 266 13.75 -11.11 25.16
N MET G 267 14.80 -11.52 24.43
CA MET G 267 15.48 -12.79 24.68
C MET G 267 16.97 -12.47 24.59
N GLU G 268 17.75 -13.00 25.51
CA GLU G 268 19.19 -12.75 25.55
C GLU G 268 19.99 -13.56 24.57
N PHE G 269 21.03 -12.93 24.04
CA PHE G 269 21.92 -13.56 23.09
C PHE G 269 23.32 -13.13 23.43
N GLN G 270 24.05 -13.99 24.13
CA GLN G 270 25.39 -13.65 24.55
C GLN G 270 26.44 -13.61 23.44
N TYR G 271 27.04 -12.44 23.26
CA TYR G 271 28.07 -12.28 22.25
C TYR G 271 29.43 -12.53 22.84
N LEU G 272 30.04 -13.64 22.43
CA LEU G 272 31.36 -14.01 22.93
C LEU G 272 32.44 -13.43 22.05
N PRO G 273 33.70 -13.49 22.52
CA PRO G 273 34.89 -12.97 21.81
C PRO G 273 35.36 -13.80 20.62
N ASP G 274 35.32 -13.19 19.44
CA ASP G 274 35.74 -13.79 18.17
C ASP G 274 35.29 -15.24 17.95
N GLY H 2 -20.26 -60.00 -19.75
CA GLY H 2 -19.44 -61.16 -19.27
C GLY H 2 -18.03 -60.70 -18.97
N PRO H 3 -17.35 -60.08 -19.95
CA PRO H 3 -15.98 -59.56 -19.86
C PRO H 3 -15.89 -58.20 -19.16
N TYR H 4 -15.64 -58.24 -17.84
CA TYR H 4 -15.55 -57.06 -16.98
C TYR H 4 -14.38 -56.09 -17.22
N LEU H 5 -14.34 -55.02 -16.44
CA LEU H 5 -13.29 -54.01 -16.57
C LEU H 5 -12.21 -54.12 -15.48
N GLN H 6 -11.40 -53.08 -15.35
CA GLN H 6 -10.32 -53.08 -14.37
C GLN H 6 -9.93 -51.70 -13.79
N ILE H 7 -8.62 -51.41 -13.81
CA ILE H 7 -8.03 -50.18 -13.28
C ILE H 7 -6.51 -50.35 -13.51
N LEU H 8 -6.17 -50.86 -14.69
CA LEU H 8 -4.78 -51.14 -15.08
C LEU H 8 -3.69 -50.21 -14.56
N GLU H 9 -4.02 -48.96 -14.26
CA GLU H 9 -3.01 -48.05 -13.74
C GLU H 9 -3.55 -47.24 -12.56
N GLN H 10 -3.29 -47.74 -11.36
CA GLN H 10 -3.73 -47.10 -10.14
C GLN H 10 -3.21 -45.65 -10.04
N PRO H 11 -4.02 -44.74 -9.48
CA PRO H 11 -3.74 -43.31 -9.29
C PRO H 11 -2.38 -43.01 -8.67
N LYS H 12 -2.36 -41.97 -7.82
CA LYS H 12 -1.17 -41.56 -7.10
C LYS H 12 -1.45 -41.84 -5.62
N GLN H 13 -2.72 -41.72 -5.22
CA GLN H 13 -3.13 -41.98 -3.85
C GLN H 13 -2.64 -40.92 -2.86
N ARG H 14 -1.40 -40.47 -3.05
CA ARG H 14 -0.79 -39.47 -2.19
C ARG H 14 -0.21 -38.34 -3.05
N GLY H 15 -0.45 -37.10 -2.67
CA GLY H 15 0.10 -36.00 -3.44
C GLY H 15 -0.92 -34.98 -3.91
N PHE H 16 -2.19 -35.37 -3.95
CA PHE H 16 -3.22 -34.45 -4.39
C PHE H 16 -4.08 -33.91 -3.25
N ARG H 17 -4.52 -32.66 -3.43
CA ARG H 17 -5.35 -31.97 -2.45
C ARG H 17 -6.78 -31.89 -2.95
N PHE H 18 -7.67 -32.63 -2.29
CA PHE H 18 -9.08 -32.65 -2.64
C PHE H 18 -9.71 -31.25 -2.66
N ARG H 19 -9.72 -30.63 -3.84
CA ARG H 19 -10.26 -29.29 -4.02
C ARG H 19 -11.78 -29.21 -3.84
N TYR H 20 -12.27 -28.01 -3.56
CA TYR H 20 -13.70 -27.76 -3.36
C TYR H 20 -14.28 -27.07 -4.59
N VAL H 21 -15.60 -26.99 -4.64
CA VAL H 21 -16.27 -26.33 -5.75
C VAL H 21 -16.12 -24.81 -5.61
N CYS H 22 -16.14 -24.34 -4.37
CA CYS H 22 -16.01 -22.91 -4.09
C CYS H 22 -14.59 -22.43 -4.34
N GLU H 23 -13.88 -23.15 -5.22
CA GLU H 23 -12.51 -22.81 -5.60
C GLU H 23 -12.46 -22.91 -7.13
N GLY H 24 -13.64 -22.83 -7.73
CA GLY H 24 -13.84 -22.89 -9.17
C GLY H 24 -12.73 -23.26 -10.15
N PRO H 25 -11.78 -22.32 -10.41
CA PRO H 25 -10.64 -22.48 -11.32
C PRO H 25 -10.13 -23.88 -11.65
N SER H 26 -9.52 -23.99 -12.83
CA SER H 26 -8.95 -25.24 -13.35
C SER H 26 -7.78 -25.74 -12.50
N HIS H 27 -8.06 -26.59 -11.52
CA HIS H 27 -7.02 -27.11 -10.64
C HIS H 27 -6.57 -28.53 -11.02
N GLY H 28 -6.10 -28.69 -12.25
CA GLY H 28 -5.63 -29.98 -12.71
C GLY H 28 -6.42 -31.16 -12.16
N GLY H 29 -5.71 -32.16 -11.64
CA GLY H 29 -6.38 -33.32 -11.09
C GLY H 29 -5.48 -34.34 -10.41
N LEU H 30 -5.92 -35.60 -10.47
CA LEU H 30 -5.23 -36.73 -9.86
C LEU H 30 -4.45 -37.57 -10.89
N PRO H 31 -3.11 -37.47 -10.87
CA PRO H 31 -2.30 -38.23 -11.82
C PRO H 31 -2.34 -39.74 -11.53
N GLY H 32 -1.23 -40.41 -11.80
CA GLY H 32 -1.15 -41.85 -11.56
C GLY H 32 0.07 -42.20 -10.74
N ALA H 33 0.52 -43.44 -10.83
CA ALA H 33 1.69 -43.90 -10.09
C ALA H 33 2.95 -43.79 -10.94
N SER H 34 2.89 -43.03 -12.03
CA SER H 34 4.03 -42.88 -12.92
C SER H 34 4.43 -41.42 -13.12
N SER H 35 3.44 -40.54 -13.11
CA SER H 35 3.65 -39.10 -13.30
C SER H 35 4.74 -38.51 -12.38
N GLU H 36 5.98 -38.51 -12.87
CA GLU H 36 7.13 -38.01 -12.12
C GLU H 36 7.63 -36.63 -12.57
N LYS H 37 6.76 -35.62 -12.49
CA LYS H 37 7.10 -34.26 -12.90
C LYS H 37 7.30 -34.16 -14.41
N ASN H 38 8.31 -34.87 -14.91
CA ASN H 38 8.61 -34.87 -16.34
C ASN H 38 7.85 -36.01 -17.03
N LYS H 39 6.66 -36.31 -16.50
CA LYS H 39 5.80 -37.36 -17.02
C LYS H 39 4.46 -37.34 -16.29
N LYS H 40 3.36 -37.51 -17.02
CA LYS H 40 2.04 -37.52 -16.41
C LYS H 40 1.37 -38.88 -16.54
N SER H 41 0.18 -39.02 -15.97
CA SER H 41 -0.58 -40.26 -16.03
C SER H 41 -1.99 -40.06 -15.49
N TYR H 42 -2.81 -41.10 -15.57
CA TYR H 42 -4.18 -41.03 -15.07
C TYR H 42 -4.74 -42.45 -14.92
N PRO H 43 -5.59 -42.67 -13.89
CA PRO H 43 -6.17 -44.00 -13.64
C PRO H 43 -6.74 -44.65 -14.91
N GLN H 44 -6.00 -45.64 -15.43
CA GLN H 44 -6.40 -46.35 -16.64
C GLN H 44 -7.08 -47.68 -16.32
N VAL H 45 -8.20 -47.95 -17.00
CA VAL H 45 -8.92 -49.20 -16.80
C VAL H 45 -8.88 -49.98 -18.12
N LYS H 46 -9.35 -51.22 -18.12
CA LYS H 46 -9.38 -52.03 -19.34
C LYS H 46 -10.18 -53.30 -19.17
N ILE H 47 -10.81 -53.74 -20.28
CA ILE H 47 -11.60 -54.97 -20.32
C ILE H 47 -10.68 -56.02 -20.94
N CYS H 48 -11.17 -57.26 -21.07
CA CYS H 48 -10.36 -58.31 -21.66
C CYS H 48 -11.08 -58.96 -22.84
N ASN H 49 -12.13 -59.73 -22.58
CA ASN H 49 -12.86 -60.34 -23.67
C ASN H 49 -13.69 -59.29 -24.39
N TYR H 50 -13.04 -58.53 -25.26
CA TYR H 50 -13.64 -57.46 -26.04
C TYR H 50 -15.15 -57.57 -26.24
N VAL H 51 -15.82 -56.42 -26.17
CA VAL H 51 -17.25 -56.35 -26.36
C VAL H 51 -17.51 -55.20 -27.33
N GLY H 52 -16.64 -55.06 -28.32
CA GLY H 52 -16.79 -53.99 -29.28
C GLY H 52 -16.92 -52.71 -28.48
N PRO H 53 -18.10 -52.07 -28.48
CA PRO H 53 -18.34 -50.83 -27.74
C PRO H 53 -18.80 -51.17 -26.32
N ALA H 54 -18.58 -50.24 -25.39
CA ALA H 54 -18.97 -50.47 -24.02
C ALA H 54 -18.96 -49.15 -23.25
N LYS H 55 -19.77 -49.09 -22.20
CA LYS H 55 -19.90 -47.89 -21.37
C LYS H 55 -19.45 -48.17 -19.92
N VAL H 56 -18.39 -47.48 -19.50
CA VAL H 56 -17.84 -47.64 -18.14
C VAL H 56 -18.08 -46.42 -17.23
N ILE H 57 -18.98 -46.60 -16.27
CA ILE H 57 -19.35 -45.56 -15.32
C ILE H 57 -18.48 -45.66 -14.08
N VAL H 58 -18.06 -44.53 -13.54
CA VAL H 58 -17.23 -44.51 -12.35
C VAL H 58 -17.80 -43.56 -11.30
N GLN H 59 -17.87 -44.03 -10.05
CA GLN H 59 -18.39 -43.23 -8.96
C GLN H 59 -17.50 -43.34 -7.72
N LEU H 60 -17.60 -42.36 -6.83
CA LEU H 60 -16.80 -42.34 -5.59
C LEU H 60 -17.48 -43.16 -4.50
N VAL H 61 -16.80 -44.23 -4.06
CA VAL H 61 -17.32 -45.09 -3.00
C VAL H 61 -16.60 -44.77 -1.70
N THR H 62 -16.91 -45.49 -0.63
CA THR H 62 -16.24 -45.22 0.64
C THR H 62 -15.28 -46.33 1.05
N ASN H 63 -14.11 -45.91 1.49
CA ASN H 63 -13.07 -46.83 1.95
C ASN H 63 -13.52 -47.48 3.24
N GLY H 64 -13.67 -48.80 3.24
CA GLY H 64 -14.11 -49.47 4.45
C GLY H 64 -14.52 -50.91 4.24
N LYS H 65 -15.43 -51.39 5.08
CA LYS H 65 -15.91 -52.76 5.01
C LYS H 65 -17.14 -52.90 4.11
N ASN H 66 -18.23 -52.23 4.45
CA ASN H 66 -19.43 -52.31 3.62
C ASN H 66 -19.34 -51.19 2.58
N ILE H 67 -18.70 -51.51 1.45
CA ILE H 67 -18.50 -50.58 0.36
C ILE H 67 -19.79 -49.77 0.07
N HIS H 68 -19.75 -48.46 0.28
CA HIS H 68 -20.92 -47.61 0.04
C HIS H 68 -20.59 -46.33 -0.73
N LEU H 69 -21.62 -45.53 -1.02
CA LEU H 69 -21.39 -44.31 -1.77
C LEU H 69 -20.89 -43.17 -0.90
N HIS H 70 -19.88 -42.48 -1.41
CA HIS H 70 -19.27 -41.36 -0.71
C HIS H 70 -19.89 -40.04 -1.19
N ALA H 71 -20.08 -39.12 -0.24
CA ALA H 71 -20.67 -37.82 -0.51
C ALA H 71 -19.96 -37.01 -1.59
N HIS H 72 -18.64 -36.89 -1.51
CA HIS H 72 -17.88 -36.13 -2.50
C HIS H 72 -18.32 -36.50 -3.90
N SER H 73 -18.14 -35.59 -4.83
CA SER H 73 -18.51 -35.86 -6.21
C SER H 73 -17.31 -35.80 -7.13
N LEU H 74 -17.13 -36.84 -7.93
CA LEU H 74 -16.02 -36.85 -8.87
C LEU H 74 -16.37 -35.96 -10.07
N VAL H 75 -16.04 -34.68 -9.93
CA VAL H 75 -16.30 -33.67 -10.96
C VAL H 75 -15.22 -33.70 -12.04
N GLY H 76 -15.62 -33.77 -13.30
CA GLY H 76 -14.64 -33.78 -14.37
C GLY H 76 -15.20 -33.38 -15.73
N LYS H 77 -15.04 -34.28 -16.69
CA LYS H 77 -15.52 -34.04 -18.04
C LYS H 77 -16.91 -34.67 -18.20
N HIS H 78 -16.91 -35.94 -18.57
CA HIS H 78 -18.16 -36.66 -18.75
C HIS H 78 -18.95 -36.78 -17.45
N CYS H 79 -18.28 -36.42 -16.35
CA CYS H 79 -18.89 -36.48 -15.04
C CYS H 79 -20.09 -35.54 -14.97
N GLU H 80 -20.93 -35.79 -13.98
CA GLU H 80 -22.11 -35.00 -13.69
C GLU H 80 -22.87 -35.75 -12.60
N ASP H 81 -22.98 -35.12 -11.44
CA ASP H 81 -23.64 -35.74 -10.30
C ASP H 81 -22.69 -36.80 -9.73
N GLY H 82 -21.46 -36.81 -10.23
CA GLY H 82 -20.46 -37.74 -9.75
C GLY H 82 -20.42 -39.12 -10.39
N VAL H 83 -20.78 -39.24 -11.66
CA VAL H 83 -20.75 -40.55 -12.33
C VAL H 83 -20.17 -40.49 -13.75
N CYS H 84 -18.97 -39.92 -13.84
CA CYS H 84 -18.26 -39.80 -15.11
C CYS H 84 -18.51 -41.02 -15.95
N THR H 85 -19.10 -40.80 -17.12
CA THR H 85 -19.39 -41.90 -18.01
C THR H 85 -18.52 -41.82 -19.26
N VAL H 86 -17.72 -42.86 -19.50
CA VAL H 86 -16.85 -42.92 -20.66
C VAL H 86 -17.32 -44.01 -21.62
N THR H 87 -17.29 -43.70 -22.91
CA THR H 87 -17.71 -44.63 -23.95
C THR H 87 -16.51 -45.40 -24.49
N ALA H 88 -16.16 -46.50 -23.82
CA ALA H 88 -15.02 -47.32 -24.23
C ALA H 88 -15.05 -47.57 -25.74
N GLY H 89 -14.12 -46.93 -26.45
CA GLY H 89 -14.05 -47.08 -27.91
C GLY H 89 -14.02 -48.53 -28.34
N PRO H 90 -14.37 -48.82 -29.61
CA PRO H 90 -14.37 -50.19 -30.16
C PRO H 90 -12.96 -50.69 -30.42
N LYS H 91 -12.78 -52.02 -30.35
CA LYS H 91 -11.49 -52.67 -30.56
C LYS H 91 -10.51 -52.33 -29.43
N ASP H 92 -10.38 -51.04 -29.13
CA ASP H 92 -9.49 -50.57 -28.07
C ASP H 92 -10.23 -50.60 -26.73
N MET H 93 -10.08 -51.71 -25.99
CA MET H 93 -10.75 -51.87 -24.71
C MET H 93 -10.00 -51.19 -23.57
N VAL H 94 -9.29 -50.10 -23.89
CA VAL H 94 -8.53 -49.36 -22.89
C VAL H 94 -8.76 -47.85 -22.94
N VAL H 95 -9.72 -47.35 -22.15
CA VAL H 95 -9.99 -45.92 -22.10
C VAL H 95 -9.68 -45.38 -20.69
N GLY H 96 -8.70 -44.49 -20.62
CA GLY H 96 -8.31 -43.92 -19.35
C GLY H 96 -9.11 -42.69 -18.99
N PHE H 97 -9.00 -42.26 -17.74
CA PHE H 97 -9.71 -41.08 -17.27
C PHE H 97 -8.74 -39.92 -17.01
N ALA H 98 -8.73 -38.96 -17.92
CA ALA H 98 -7.85 -37.80 -17.82
C ALA H 98 -8.02 -37.03 -16.51
N ASN H 99 -7.84 -35.72 -16.58
CA ASN H 99 -7.97 -34.86 -15.40
C ASN H 99 -9.38 -34.93 -14.81
N LEU H 100 -9.52 -35.75 -13.78
CA LEU H 100 -10.81 -35.91 -13.11
C LEU H 100 -11.03 -34.82 -12.07
N GLY H 101 -10.35 -34.94 -10.93
CA GLY H 101 -10.50 -33.97 -9.86
C GLY H 101 -11.65 -34.34 -8.93
N ILE H 102 -11.39 -34.36 -7.63
CA ILE H 102 -12.42 -34.72 -6.66
C ILE H 102 -13.02 -33.49 -6.01
N LEU H 103 -14.32 -33.52 -5.77
CA LEU H 103 -14.96 -32.39 -5.13
C LEU H 103 -15.34 -32.82 -3.71
N HIS H 104 -14.99 -31.97 -2.75
CA HIS H 104 -15.26 -32.23 -1.34
C HIS H 104 -16.46 -31.42 -0.83
N VAL H 105 -17.47 -32.11 -0.27
CA VAL H 105 -18.65 -31.41 0.25
C VAL H 105 -18.51 -31.13 1.75
N THR H 106 -19.08 -30.02 2.21
CA THR H 106 -19.00 -29.69 3.63
C THR H 106 -19.49 -30.83 4.51
N LYS H 107 -19.18 -30.75 5.79
CA LYS H 107 -19.60 -31.76 6.76
C LYS H 107 -21.11 -31.69 6.84
N LYS H 108 -21.62 -30.48 6.62
CA LYS H 108 -23.06 -30.21 6.67
C LYS H 108 -23.79 -30.70 5.42
N LYS H 109 -23.05 -30.75 4.31
CA LYS H 109 -23.60 -31.15 3.04
C LYS H 109 -23.51 -32.65 2.79
N VAL H 110 -23.18 -33.43 3.81
CA VAL H 110 -23.04 -34.88 3.64
C VAL H 110 -24.35 -35.63 3.38
N PHE H 111 -25.30 -35.56 4.33
CA PHE H 111 -26.59 -36.23 4.16
C PHE H 111 -27.37 -35.54 3.05
N GLU H 112 -27.29 -34.22 3.04
CA GLU H 112 -27.98 -33.44 2.02
C GLU H 112 -27.53 -33.91 0.62
N THR H 113 -26.23 -33.86 0.32
CA THR H 113 -25.74 -34.31 -1.00
C THR H 113 -25.87 -35.83 -1.13
N LEU H 114 -25.83 -36.52 0.01
CA LEU H 114 -25.95 -37.98 0.05
C LEU H 114 -27.24 -38.42 -0.62
N GLU H 115 -28.34 -37.85 -0.16
CA GLU H 115 -29.67 -38.17 -0.69
C GLU H 115 -29.66 -38.39 -2.20
N ALA H 116 -29.27 -37.35 -2.94
CA ALA H 116 -29.24 -37.39 -4.39
C ALA H 116 -28.42 -38.54 -4.98
N ARG H 117 -27.24 -38.79 -4.42
CA ARG H 117 -26.37 -39.85 -4.89
C ARG H 117 -27.07 -41.21 -4.86
N MET H 118 -27.81 -41.46 -3.78
CA MET H 118 -28.54 -42.71 -3.63
C MET H 118 -29.83 -42.66 -4.44
N THR H 119 -30.50 -41.51 -4.42
CA THR H 119 -31.73 -41.38 -5.21
C THR H 119 -31.31 -41.73 -6.63
N GLU H 120 -30.32 -40.99 -7.13
CA GLU H 120 -29.77 -41.22 -8.46
C GLU H 120 -29.22 -42.66 -8.46
N ALA H 121 -28.75 -43.14 -9.61
CA ALA H 121 -28.21 -44.50 -9.71
C ALA H 121 -29.37 -45.47 -9.53
N CYS H 122 -30.15 -45.24 -8.47
CA CYS H 122 -31.33 -46.06 -8.21
C CYS H 122 -32.22 -45.81 -9.41
N ILE H 123 -32.01 -44.66 -10.05
CA ILE H 123 -32.76 -44.26 -11.24
C ILE H 123 -31.95 -44.57 -12.49
N ARG H 124 -30.76 -43.98 -12.59
CA ARG H 124 -29.87 -44.19 -13.74
C ARG H 124 -29.47 -45.64 -13.94
N GLY H 125 -29.75 -46.47 -12.92
CA GLY H 125 -29.43 -47.89 -12.99
C GLY H 125 -27.95 -48.25 -12.97
N TYR H 126 -27.21 -47.72 -12.00
CA TYR H 126 -25.78 -48.00 -11.89
C TYR H 126 -25.35 -48.27 -10.44
N ASN H 127 -24.78 -49.45 -10.21
CA ASN H 127 -24.31 -49.92 -8.90
C ASN H 127 -25.40 -50.78 -8.23
N PRO H 128 -25.60 -52.02 -8.73
CA PRO H 128 -26.58 -53.01 -8.27
C PRO H 128 -26.84 -53.06 -6.76
N GLY H 129 -27.54 -52.06 -6.24
CA GLY H 129 -27.83 -52.02 -4.81
C GLY H 129 -26.64 -52.47 -3.99
N LEU H 130 -25.45 -52.03 -4.38
CA LEU H 130 -24.21 -52.39 -3.68
C LEU H 130 -23.72 -51.21 -2.83
N LEU H 131 -23.86 -49.99 -3.36
CA LEU H 131 -23.47 -48.76 -2.66
C LEU H 131 -24.74 -48.10 -2.13
N VAL H 132 -25.88 -48.73 -2.42
CA VAL H 132 -27.20 -48.23 -2.02
C VAL H 132 -27.71 -48.94 -0.77
N HIS H 133 -27.93 -50.25 -0.89
CA HIS H 133 -28.44 -51.05 0.22
C HIS H 133 -28.67 -52.49 -0.25
N SER H 134 -28.73 -53.41 0.70
CA SER H 134 -28.95 -54.82 0.40
C SER H 134 -30.38 -55.14 -0.02
N ASP H 135 -31.17 -54.10 -0.24
CA ASP H 135 -32.56 -54.29 -0.64
C ASP H 135 -32.80 -54.10 -2.13
N LEU H 136 -32.06 -53.18 -2.75
CA LEU H 136 -32.22 -52.93 -4.18
C LEU H 136 -31.53 -53.97 -5.06
N ALA H 137 -30.35 -53.64 -5.59
CA ALA H 137 -29.60 -54.57 -6.44
C ALA H 137 -30.19 -54.72 -7.86
N TYR H 138 -31.30 -54.04 -8.13
CA TYR H 138 -31.95 -54.08 -9.45
C TYR H 138 -32.23 -52.69 -10.00
N LEU H 139 -31.34 -52.23 -10.87
CA LEU H 139 -31.44 -50.92 -11.51
C LEU H 139 -30.83 -51.01 -12.93
N GLN H 140 -30.37 -52.21 -13.26
CA GLN H 140 -29.75 -52.54 -14.55
C GLN H 140 -30.51 -51.95 -15.74
N ALA H 141 -31.32 -52.80 -16.38
CA ALA H 141 -32.13 -52.38 -17.52
C ALA H 141 -33.22 -51.45 -17.00
N GLU H 142 -33.59 -51.69 -15.75
CA GLU H 142 -34.61 -50.93 -15.03
C GLU H 142 -35.91 -50.79 -15.81
N GLY H 143 -36.03 -51.55 -16.90
CA GLY H 143 -37.22 -51.50 -17.72
C GLY H 143 -37.27 -50.27 -18.60
N GLY H 144 -36.20 -49.48 -18.59
CA GLY H 144 -36.16 -48.26 -19.41
C GLY H 144 -37.01 -47.15 -18.83
N GLY H 145 -37.87 -46.58 -19.68
CA GLY H 145 -38.76 -45.51 -19.27
C GLY H 145 -38.15 -44.38 -18.47
N ASP H 146 -38.09 -44.56 -17.14
CA ASP H 146 -37.51 -43.58 -16.24
C ASP H 146 -37.56 -44.08 -14.79
N ARG H 147 -38.67 -44.75 -14.45
CA ARG H 147 -38.88 -45.32 -13.12
C ARG H 147 -38.87 -44.24 -12.02
N GLN H 148 -39.33 -44.62 -10.83
CA GLN H 148 -39.39 -43.74 -9.67
C GLN H 148 -39.52 -44.58 -8.38
N LEU H 149 -39.26 -45.88 -8.52
CA LEU H 149 -39.34 -46.84 -7.43
C LEU H 149 -40.36 -46.50 -6.34
N THR H 150 -41.40 -45.77 -6.74
CA THR H 150 -42.48 -45.40 -5.84
C THR H 150 -42.03 -44.54 -4.66
N ASP H 151 -42.98 -43.80 -4.10
CA ASP H 151 -42.78 -42.91 -2.95
C ASP H 151 -42.48 -43.72 -1.68
N ARG H 152 -42.67 -45.03 -1.75
CA ARG H 152 -42.41 -45.88 -0.59
C ARG H 152 -40.94 -46.14 -0.42
N GLU H 153 -40.37 -46.91 -1.35
CA GLU H 153 -38.96 -47.24 -1.30
C GLU H 153 -38.09 -46.09 -0.83
N LYS H 154 -38.55 -44.86 -1.06
CA LYS H 154 -37.78 -43.69 -0.66
C LYS H 154 -37.31 -43.71 0.82
N GLU H 155 -38.06 -44.36 1.70
CA GLU H 155 -37.66 -44.37 3.11
C GLU H 155 -36.41 -45.18 3.47
N ILE H 156 -36.04 -46.17 2.65
CA ILE H 156 -34.83 -46.93 2.95
C ILE H 156 -33.64 -46.10 2.49
N ILE H 157 -33.72 -45.56 1.28
CA ILE H 157 -32.66 -44.72 0.72
C ILE H 157 -32.32 -43.55 1.67
N ARG H 158 -33.32 -42.73 1.97
CA ARG H 158 -33.13 -41.58 2.86
C ARG H 158 -32.62 -42.03 4.24
N GLN H 159 -33.15 -43.16 4.72
CA GLN H 159 -32.74 -43.71 6.01
C GLN H 159 -31.34 -44.31 5.91
N ALA H 160 -30.95 -44.69 4.69
CA ALA H 160 -29.63 -45.26 4.45
C ALA H 160 -28.65 -44.11 4.42
N ALA H 161 -29.16 -42.96 4.05
CA ALA H 161 -28.35 -41.77 4.00
C ALA H 161 -28.19 -41.18 5.40
N VAL H 162 -28.81 -41.80 6.41
CA VAL H 162 -28.72 -41.29 7.79
C VAL H 162 -27.73 -42.07 8.67
N GLN H 163 -27.46 -43.32 8.33
CA GLN H 163 -26.52 -44.10 9.11
C GLN H 163 -25.13 -44.17 8.49
N GLN H 164 -25.03 -43.83 7.20
CA GLN H 164 -23.73 -43.86 6.52
C GLN H 164 -23.12 -42.45 6.66
N THR H 165 -23.97 -41.45 6.69
CA THR H 165 -23.54 -40.07 6.83
C THR H 165 -22.94 -39.82 8.21
N LYS H 166 -23.17 -40.74 9.15
CA LYS H 166 -22.65 -40.58 10.50
C LYS H 166 -21.25 -41.16 10.63
N GLU H 167 -20.95 -42.16 9.79
CA GLU H 167 -19.66 -42.83 9.80
C GLU H 167 -18.74 -42.29 8.71
N MET H 168 -19.36 -41.78 7.66
CA MET H 168 -18.66 -41.22 6.51
C MET H 168 -17.39 -40.47 6.91
N ASP H 169 -16.32 -40.74 6.17
CA ASP H 169 -15.04 -40.09 6.40
C ASP H 169 -14.80 -39.24 5.16
N LEU H 170 -14.77 -37.92 5.34
CA LEU H 170 -14.61 -37.00 4.22
C LEU H 170 -13.18 -36.78 3.70
N SER H 171 -12.21 -37.54 4.20
CA SER H 171 -10.85 -37.31 3.73
C SER H 171 -10.25 -38.42 2.86
N VAL H 172 -11.01 -39.48 2.63
CA VAL H 172 -10.56 -40.60 1.82
C VAL H 172 -11.69 -41.11 0.94
N VAL H 173 -11.37 -41.49 -0.29
CA VAL H 173 -12.39 -42.01 -1.20
C VAL H 173 -11.79 -43.13 -2.05
N ARG H 174 -12.62 -43.77 -2.87
CA ARG H 174 -12.17 -44.85 -3.73
C ARG H 174 -13.00 -44.90 -5.00
N LEU H 175 -12.34 -45.09 -6.13
CA LEU H 175 -13.01 -45.16 -7.42
C LEU H 175 -13.84 -46.44 -7.49
N MET H 176 -14.88 -46.42 -8.32
CA MET H 176 -15.74 -47.59 -8.49
C MET H 176 -16.02 -47.86 -9.97
N PHE H 177 -15.07 -48.50 -10.64
CA PHE H 177 -15.17 -48.83 -12.06
C PHE H 177 -16.21 -49.89 -12.35
N THR H 178 -17.22 -49.53 -13.14
CA THR H 178 -18.30 -50.44 -13.52
C THR H 178 -18.54 -50.35 -15.02
N ALA H 179 -18.53 -51.49 -15.71
CA ALA H 179 -18.72 -51.49 -17.16
C ALA H 179 -20.04 -52.13 -17.60
N PHE H 180 -20.65 -51.50 -18.61
CA PHE H 180 -21.92 -51.96 -19.18
C PHE H 180 -21.75 -52.32 -20.66
N LEU H 181 -22.04 -53.57 -20.98
CA LEU H 181 -21.92 -54.05 -22.34
C LEU H 181 -23.28 -53.96 -23.00
N PRO H 182 -23.33 -53.57 -24.28
CA PRO H 182 -24.62 -53.46 -24.98
C PRO H 182 -25.46 -54.74 -24.83
N ASP H 183 -26.73 -54.66 -25.19
CA ASP H 183 -27.63 -55.82 -25.11
C ASP H 183 -28.41 -56.01 -26.41
N SER H 184 -29.52 -56.73 -26.35
CA SER H 184 -30.32 -56.98 -27.54
C SER H 184 -30.90 -55.71 -28.16
N THR H 185 -31.35 -54.79 -27.31
CA THR H 185 -31.93 -53.53 -27.76
C THR H 185 -30.80 -52.54 -28.13
N GLY H 186 -29.56 -53.02 -28.12
CA GLY H 186 -28.43 -52.18 -28.46
C GLY H 186 -28.00 -51.30 -27.30
N SER H 187 -28.80 -51.30 -26.24
CA SER H 187 -28.55 -50.51 -25.04
C SER H 187 -27.49 -51.20 -24.17
N PHE H 188 -27.02 -50.51 -23.14
CA PHE H 188 -26.00 -51.08 -22.26
C PHE H 188 -26.55 -51.44 -20.88
N THR H 189 -27.08 -52.65 -20.75
CA THR H 189 -27.68 -53.11 -19.49
C THR H 189 -26.97 -54.23 -18.72
N ARG H 190 -25.94 -54.84 -19.31
CA ARG H 190 -25.22 -55.92 -18.63
C ARG H 190 -24.17 -55.35 -17.66
N ARG H 191 -24.46 -55.45 -16.36
CA ARG H 191 -23.54 -54.94 -15.33
C ARG H 191 -22.36 -55.87 -15.04
N LEU H 192 -21.16 -55.35 -15.33
CA LEU H 192 -19.93 -56.08 -15.12
C LEU H 192 -19.42 -55.80 -13.72
N GLU H 193 -19.26 -56.85 -12.92
CA GLU H 193 -18.80 -56.73 -11.53
C GLU H 193 -17.87 -55.54 -11.37
N PRO H 194 -18.28 -54.54 -10.59
CA PRO H 194 -17.45 -53.36 -10.35
C PRO H 194 -16.12 -53.68 -9.69
N VAL H 195 -15.13 -52.83 -9.91
CA VAL H 195 -13.81 -53.04 -9.32
C VAL H 195 -13.32 -51.76 -8.65
N VAL H 196 -13.41 -51.72 -7.33
CA VAL H 196 -12.98 -50.54 -6.59
C VAL H 196 -11.48 -50.25 -6.74
N SER H 197 -11.14 -48.96 -6.68
CA SER H 197 -9.76 -48.54 -6.78
C SER H 197 -9.10 -48.87 -5.46
N ASP H 198 -7.83 -48.48 -5.32
CA ASP H 198 -7.08 -48.75 -4.11
C ASP H 198 -7.57 -47.91 -2.91
N ALA H 199 -7.24 -46.63 -2.91
CA ALA H 199 -7.65 -45.73 -1.82
C ALA H 199 -6.91 -44.40 -1.95
N ILE H 200 -7.65 -43.32 -2.15
CA ILE H 200 -7.02 -42.01 -2.28
C ILE H 200 -7.31 -41.10 -1.08
N TYR H 201 -6.25 -40.49 -0.56
CA TYR H 201 -6.32 -39.61 0.60
C TYR H 201 -5.99 -38.18 0.18
N ASP H 202 -6.60 -37.21 0.86
CA ASP H 202 -6.37 -35.81 0.54
C ASP H 202 -5.09 -35.22 1.15
N SER H 203 -4.26 -34.62 0.32
CA SER H 203 -3.02 -34.01 0.80
C SER H 203 -3.38 -33.00 1.87
N LYS H 204 -4.54 -32.37 1.69
CA LYS H 204 -5.02 -31.37 2.64
C LYS H 204 -5.24 -32.02 4.02
N ALA H 205 -5.50 -33.33 4.03
CA ALA H 205 -5.71 -34.06 5.28
C ALA H 205 -4.38 -34.26 6.00
N PRO H 206 -4.19 -33.57 7.15
CA PRO H 206 -2.93 -33.70 7.87
C PRO H 206 -2.38 -35.11 7.96
N ASN H 207 -3.11 -35.98 8.66
CA ASN H 207 -2.71 -37.38 8.88
C ASN H 207 -2.40 -38.20 7.62
N ALA H 208 -2.71 -37.68 6.44
CA ALA H 208 -2.43 -38.41 5.20
C ALA H 208 -1.36 -37.72 4.34
N SER H 209 -1.11 -36.44 4.63
CA SER H 209 -0.13 -35.63 3.93
C SER H 209 1.15 -36.38 3.55
N ASN H 210 1.97 -35.75 2.71
CA ASN H 210 3.23 -36.37 2.33
C ASN H 210 4.34 -35.76 3.15
N LEU H 211 4.93 -36.60 3.99
CA LEU H 211 5.99 -36.18 4.89
C LEU H 211 7.25 -35.75 4.16
N LYS H 212 7.87 -34.71 4.68
CA LYS H 212 9.08 -34.17 4.10
C LYS H 212 9.92 -33.45 5.14
N ILE H 213 11.23 -33.66 5.10
CA ILE H 213 12.17 -33.01 6.01
C ILE H 213 12.65 -31.82 5.20
N VAL H 214 12.24 -30.62 5.58
CA VAL H 214 12.66 -29.43 4.85
C VAL H 214 14.02 -28.89 5.32
N ARG H 215 14.23 -28.85 6.64
CA ARG H 215 15.48 -28.34 7.14
C ARG H 215 15.86 -28.92 8.48
N MET H 216 17.18 -28.96 8.70
CA MET H 216 17.76 -29.45 9.94
C MET H 216 18.93 -28.52 10.18
N ASP H 217 19.01 -27.90 11.35
CA ASP H 217 20.10 -26.97 11.62
C ASP H 217 21.47 -27.65 11.66
N ARG H 218 21.46 -28.96 11.80
CA ARG H 218 22.67 -29.75 11.83
C ARG H 218 22.35 -31.15 11.33
N THR H 219 23.27 -31.72 10.58
CA THR H 219 23.08 -33.05 10.00
C THR H 219 24.19 -34.01 10.40
N ALA H 220 24.73 -33.79 11.60
CA ALA H 220 25.81 -34.60 12.13
C ALA H 220 25.91 -34.45 13.64
N GLY H 221 26.19 -35.56 14.29
CA GLY H 221 26.31 -35.58 15.74
C GLY H 221 27.24 -36.67 16.23
N CYS H 222 27.56 -36.65 17.51
CA CYS H 222 28.44 -37.63 18.13
C CYS H 222 27.71 -38.95 18.35
N VAL H 223 28.42 -40.06 18.16
CA VAL H 223 27.86 -41.39 18.33
C VAL H 223 27.21 -41.56 19.69
N THR H 224 27.64 -40.74 20.63
CA THR H 224 27.10 -40.77 21.98
C THR H 224 25.63 -40.40 21.91
N GLY H 225 25.31 -39.47 21.03
CA GLY H 225 23.93 -39.04 20.87
C GLY H 225 23.55 -38.05 21.95
N GLY H 226 22.28 -37.67 21.96
CA GLY H 226 21.84 -36.73 22.97
C GLY H 226 22.26 -35.31 22.67
N GLU H 227 22.41 -35.05 21.37
CA GLU H 227 22.78 -33.74 20.90
C GLU H 227 21.53 -33.15 20.25
N GLU H 228 21.06 -32.02 20.80
CA GLU H 228 19.85 -31.37 20.30
C GLU H 228 19.91 -31.00 18.82
N ILE H 229 18.76 -31.09 18.15
CA ILE H 229 18.66 -30.77 16.73
C ILE H 229 17.30 -30.18 16.38
N TYR H 230 17.27 -29.29 15.38
CA TYR H 230 16.06 -28.65 14.89
C TYR H 230 15.69 -29.17 13.52
N LEU H 231 14.49 -29.69 13.37
CA LEU H 231 14.06 -30.19 12.08
C LEU H 231 12.82 -29.44 11.68
N LEU H 232 12.90 -28.70 10.59
CA LEU H 232 11.75 -27.97 10.09
C LEU H 232 11.06 -28.88 9.08
N CYS H 233 9.76 -29.10 9.25
CA CYS H 233 9.03 -30.02 8.38
C CYS H 233 7.69 -29.52 7.83
N ASP H 234 7.05 -30.39 7.06
CA ASP H 234 5.73 -30.12 6.47
C ASP H 234 4.74 -30.54 7.53
N LYS H 235 3.57 -29.91 7.53
CA LYS H 235 2.54 -30.25 8.51
C LYS H 235 2.63 -31.70 8.98
N VAL H 236 2.93 -31.91 10.26
CA VAL H 236 2.96 -33.26 10.81
C VAL H 236 2.04 -33.28 12.01
N GLN H 237 1.40 -34.42 12.27
CA GLN H 237 0.49 -34.55 13.40
C GLN H 237 1.26 -34.72 14.72
N LYS H 238 1.21 -33.68 15.53
CA LYS H 238 1.86 -33.60 16.83
C LYS H 238 2.20 -34.92 17.55
N ASP H 239 1.21 -35.76 17.77
CA ASP H 239 1.48 -37.00 18.46
C ASP H 239 1.36 -38.27 17.61
N ASP H 240 1.87 -38.21 16.40
CA ASP H 240 1.85 -39.38 15.54
C ASP H 240 3.00 -39.26 14.56
N ILE H 241 4.08 -38.63 14.99
CA ILE H 241 5.22 -38.45 14.13
C ILE H 241 6.46 -38.83 14.89
N GLN H 242 7.43 -39.41 14.21
CA GLN H 242 8.67 -39.78 14.85
C GLN H 242 9.84 -39.65 13.89
N ILE H 243 11.01 -39.42 14.47
CA ILE H 243 12.24 -39.26 13.71
C ILE H 243 12.98 -40.58 13.76
N ARG H 244 13.23 -41.18 12.61
CA ARG H 244 13.91 -42.48 12.59
C ARG H 244 15.27 -42.42 11.93
N PHE H 245 16.26 -42.94 12.62
CA PHE H 245 17.62 -43.00 12.13
C PHE H 245 17.81 -44.46 11.81
N TYR H 246 18.34 -44.77 10.64
CA TYR H 246 18.56 -46.16 10.32
C TYR H 246 19.79 -46.32 9.47
N GLU H 247 20.28 -47.54 9.40
CA GLU H 247 21.45 -47.82 8.59
C GLU H 247 21.37 -49.24 8.04
N GLU H 248 22.01 -49.46 6.90
CA GLU H 248 22.04 -50.78 6.28
C GLU H 248 23.39 -51.38 6.67
N GLU H 249 23.35 -52.58 7.23
CA GLU H 249 24.58 -53.26 7.64
C GLU H 249 24.84 -54.41 6.66
N GLU H 250 26.10 -54.57 6.28
CA GLU H 250 26.49 -55.62 5.34
C GLU H 250 25.93 -56.99 5.74
N ASN H 251 25.68 -57.16 7.04
CA ASN H 251 25.14 -58.42 7.54
C ASN H 251 23.90 -58.11 8.38
N GLY H 252 22.88 -57.56 7.73
CA GLY H 252 21.65 -57.23 8.43
C GLY H 252 20.81 -56.10 7.85
N GLY H 253 21.30 -54.86 7.96
CA GLY H 253 20.55 -53.70 7.47
C GLY H 253 19.49 -53.34 8.49
N VAL H 254 19.87 -53.46 9.76
CA VAL H 254 19.00 -53.22 10.89
C VAL H 254 19.08 -51.86 11.60
N TRP H 255 19.96 -51.76 12.59
CA TRP H 255 20.13 -50.54 13.42
C TRP H 255 19.30 -49.31 13.08
N GLU H 256 18.34 -49.05 13.96
CA GLU H 256 17.43 -47.91 13.83
C GLU H 256 17.29 -47.16 15.16
N GLY H 257 17.66 -45.88 15.16
CA GLY H 257 17.56 -45.06 16.35
C GLY H 257 16.42 -44.06 16.26
N PHE H 258 15.93 -43.64 17.41
CA PHE H 258 14.83 -42.67 17.47
C PHE H 258 15.17 -41.43 18.27
N GLY H 259 14.93 -40.27 17.67
CA GLY H 259 15.17 -39.03 18.37
C GLY H 259 14.08 -38.96 19.42
N ASP H 260 14.43 -38.50 20.63
CA ASP H 260 13.41 -38.40 21.67
C ASP H 260 12.88 -36.99 21.78
N PHE H 261 11.58 -36.85 21.55
CA PHE H 261 10.95 -35.55 21.64
C PHE H 261 9.50 -35.67 22.05
N SER H 262 9.15 -35.06 23.17
CA SER H 262 7.78 -35.11 23.63
C SER H 262 6.98 -34.34 22.59
N PRO H 263 5.72 -34.72 22.38
CA PRO H 263 4.93 -34.00 21.38
C PRO H 263 4.84 -32.49 21.64
N THR H 264 5.38 -32.05 22.78
CA THR H 264 5.36 -30.65 23.15
C THR H 264 6.39 -29.90 22.32
N ASP H 265 7.48 -30.62 22.03
CA ASP H 265 8.59 -30.08 21.27
C ASP H 265 8.26 -29.86 19.79
N VAL H 266 7.15 -30.44 19.31
CA VAL H 266 6.76 -30.23 17.92
C VAL H 266 6.13 -28.87 17.79
N HIS H 267 6.94 -27.90 17.36
CA HIS H 267 6.41 -26.55 17.21
C HIS H 267 5.41 -26.43 16.08
N ARG H 268 4.23 -25.90 16.41
CA ARG H 268 3.11 -25.69 15.48
C ARG H 268 3.04 -26.56 14.22
N GLN H 269 3.11 -27.87 14.39
CA GLN H 269 3.02 -28.83 13.28
C GLN H 269 4.01 -28.67 12.15
N PHE H 270 5.05 -27.88 12.33
CA PHE H 270 6.02 -27.68 11.25
C PHE H 270 7.47 -27.75 11.67
N ALA H 271 7.70 -27.92 12.95
CA ALA H 271 9.05 -27.99 13.47
C ALA H 271 9.12 -29.05 14.56
N ILE H 272 10.29 -29.65 14.71
CA ILE H 272 10.48 -30.63 15.75
C ILE H 272 11.89 -30.45 16.28
N VAL H 273 11.99 -30.34 17.59
CA VAL H 273 13.26 -30.18 18.27
C VAL H 273 13.47 -31.49 18.95
N PHE H 274 14.55 -32.17 18.63
CA PHE H 274 14.81 -33.47 19.23
C PHE H 274 16.25 -33.72 19.60
N LYS H 275 16.47 -34.75 20.40
CA LYS H 275 17.82 -35.12 20.80
C LYS H 275 18.15 -36.37 20.03
N THR H 276 19.42 -36.50 19.66
CA THR H 276 19.92 -37.62 18.88
C THR H 276 20.16 -38.89 19.66
N PRO H 277 19.85 -40.05 19.06
CA PRO H 277 19.98 -41.40 19.61
C PRO H 277 21.43 -41.84 19.58
N LYS H 278 21.78 -42.80 20.42
CA LYS H 278 23.13 -43.31 20.45
C LYS H 278 23.27 -44.16 19.16
N TYR H 279 24.43 -44.13 18.53
CA TYR H 279 24.66 -44.90 17.31
C TYR H 279 25.10 -46.29 17.73
N LYS H 280 25.00 -47.27 16.83
CA LYS H 280 25.38 -48.63 17.18
C LYS H 280 26.81 -48.72 17.70
N ASP H 281 27.81 -48.52 16.84
CA ASP H 281 29.20 -48.61 17.31
C ASP H 281 29.84 -47.31 17.81
N VAL H 282 29.69 -47.06 19.10
CA VAL H 282 30.26 -45.88 19.74
C VAL H 282 31.78 -46.05 19.86
N ASN H 283 32.25 -47.18 19.34
CA ASN H 283 33.67 -47.55 19.35
C ASN H 283 34.30 -47.16 18.02
N ILE H 284 33.53 -46.48 17.17
CA ILE H 284 33.99 -46.06 15.85
C ILE H 284 35.16 -45.08 15.94
N THR H 285 36.05 -45.15 14.97
CA THR H 285 37.19 -44.24 14.92
C THR H 285 37.03 -43.38 13.66
N LYS H 286 36.31 -43.92 12.68
CA LYS H 286 36.07 -43.21 11.44
C LYS H 286 34.55 -42.96 11.46
N PRO H 287 34.11 -41.73 11.21
CA PRO H 287 32.67 -41.46 11.22
C PRO H 287 31.90 -42.29 10.19
N ALA H 288 30.63 -42.54 10.50
CA ALA H 288 29.76 -43.34 9.63
C ALA H 288 28.51 -42.57 9.17
N SER H 289 28.17 -42.73 7.88
CA SER H 289 27.00 -42.07 7.32
C SER H 289 25.77 -42.93 7.49
N VAL H 290 24.83 -42.43 8.28
CA VAL H 290 23.57 -43.12 8.53
C VAL H 290 22.43 -42.25 7.98
N PHE H 291 21.19 -42.69 8.13
CA PHE H 291 20.06 -41.93 7.61
C PHE H 291 19.09 -41.42 8.66
N VAL H 292 18.31 -40.42 8.25
CA VAL H 292 17.29 -39.82 9.09
C VAL H 292 16.04 -39.88 8.23
N GLN H 293 14.88 -40.02 8.86
CA GLN H 293 13.64 -40.12 8.11
C GLN H 293 12.44 -39.79 8.97
N LEU H 294 11.51 -39.04 8.42
CA LEU H 294 10.30 -38.73 9.16
C LEU H 294 9.40 -39.92 8.93
N ARG H 295 8.78 -40.41 10.00
CA ARG H 295 7.91 -41.57 9.90
C ARG H 295 6.64 -41.34 10.70
N ARG H 296 5.49 -41.71 10.13
CA ARG H 296 4.21 -41.55 10.82
C ARG H 296 3.89 -42.81 11.59
N LYS H 297 3.82 -42.68 12.90
CA LYS H 297 3.55 -43.84 13.74
C LYS H 297 2.35 -44.65 13.25
N SER H 298 1.35 -43.96 12.69
CA SER H 298 0.16 -44.61 12.16
C SER H 298 0.51 -45.56 11.05
N ASP H 299 0.23 -45.13 9.83
CA ASP H 299 0.47 -45.86 8.58
C ASP H 299 1.92 -46.25 8.37
N LEU H 300 2.80 -45.60 9.13
CA LEU H 300 4.24 -45.83 9.03
C LEU H 300 4.80 -45.30 7.70
N GLU H 301 4.14 -44.30 7.14
CA GLU H 301 4.63 -43.69 5.92
C GLU H 301 5.91 -42.98 6.30
N THR H 302 6.81 -42.83 5.34
CA THR H 302 8.09 -42.18 5.59
C THR H 302 8.51 -41.17 4.52
N SER H 303 9.28 -40.20 4.97
CA SER H 303 9.79 -39.15 4.09
C SER H 303 10.97 -39.71 3.31
N GLU H 304 11.45 -38.94 2.34
CA GLU H 304 12.61 -39.38 1.61
C GLU H 304 13.64 -39.22 2.71
N PRO H 305 14.52 -40.22 2.87
CA PRO H 305 15.54 -40.16 3.91
C PRO H 305 16.61 -39.12 3.62
N LYS H 306 17.06 -38.43 4.67
CA LYS H 306 18.11 -37.42 4.54
C LYS H 306 19.34 -37.95 5.26
N PRO H 307 20.53 -37.77 4.68
CA PRO H 307 21.76 -38.23 5.31
C PRO H 307 22.11 -37.55 6.64
N PHE H 308 22.83 -38.29 7.49
CA PHE H 308 23.26 -37.80 8.79
C PHE H 308 24.59 -38.47 9.07
N LEU H 309 25.57 -37.69 9.51
CA LEU H 309 26.92 -38.23 9.74
C LEU H 309 27.32 -38.29 11.22
N TYR H 310 27.57 -39.51 11.72
CA TYR H 310 28.00 -39.70 13.10
C TYR H 310 29.52 -39.73 13.16
N TYR H 311 30.08 -38.98 14.09
CA TYR H 311 31.53 -38.94 14.31
C TYR H 311 31.75 -39.27 15.80
N PRO H 312 32.94 -39.79 16.15
CA PRO H 312 33.30 -40.17 17.53
C PRO H 312 33.53 -39.07 18.57
N GLU H 313 33.67 -39.51 19.82
CA GLU H 313 33.89 -38.62 20.97
C GLU H 313 35.37 -38.29 21.12
#